data_3MUI
#
_entry.id   3MUI
#
_cell.length_a   169.270
_cell.length_b   79.859
_cell.length_c   78.820
_cell.angle_alpha   90.00
_cell.angle_beta   91.47
_cell.angle_gamma   90.00
#
_symmetry.space_group_name_H-M   'C 1 2 1'
#
loop_
_entity.id
_entity.type
_entity.pdbx_description
1 polymer Xylanase
2 branched beta-D-xylopyranose-(1-4)-beta-D-xylopyranose
3 non-polymer 'SODIUM ION'
4 non-polymer GLYCEROL
5 water water
#
_entity_poly.entity_id   1
_entity_poly.type   'polypeptide(L)'
_entity_poly.pdbx_seq_one_letter_code
;MNSSLPSLRDVFANDFRIGAAVNPVTIEMQKQLLIDHVNSITAENHMKFEHLQPEEGKFTFQEADRIVDFACSHRMAVRG
HTLVWHNQTPDWVFQDGQGHFVSRDVLLERMKCHISTVVRRYKGKIYCWDVINEAVADEGDELLRPSKWRQIIGDDFMEQ
AFLYAYEADPDALLFYNDYNECFPEKREKIFALVKSLRDKGIPIHGIGMQAHWSLTRPSLDEIRAAIERYASLGVVLHIT
ALDVSMFEFHDRRTDLAAPTSEMIERQAERYGQIFALFKEYRDVIQSVTFWGIADDHTWLDNFPVHGRKNWPLLFDEQHK
PKPAFWRAVSV
;
_entity_poly.pdbx_strand_id   A,B
#
loop_
_chem_comp.id
_chem_comp.type
_chem_comp.name
_chem_comp.formula
GOL non-polymer GLYCEROL 'C3 H8 O3'
NA non-polymer 'SODIUM ION' 'Na 1'
XYP D-saccharide, beta linking beta-D-xylopyranose 'C5 H10 O5'
#
# COMPACT_ATOMS: atom_id res chain seq x y z
N ASN A 2 -15.05 0.92 0.74
CA ASN A 2 -14.44 1.42 2.01
C ASN A 2 -14.52 0.43 3.16
N SER A 3 -15.49 -0.47 3.11
CA SER A 3 -15.64 -1.45 4.17
C SER A 3 -14.32 -2.11 4.55
N SER A 4 -13.57 -2.56 3.55
CA SER A 4 -12.29 -3.20 3.78
C SER A 4 -11.12 -2.23 3.61
N LEU A 5 -11.45 -0.97 3.29
CA LEU A 5 -10.43 0.07 3.11
C LEU A 5 -9.76 0.48 4.42
N PRO A 6 -8.43 0.62 4.40
CA PRO A 6 -7.74 1.02 5.63
C PRO A 6 -8.13 2.46 5.99
N SER A 7 -8.10 2.79 7.28
CA SER A 7 -8.43 4.14 7.74
C SER A 7 -7.12 4.90 7.96
N LEU A 8 -6.96 6.04 7.26
CA LEU A 8 -5.72 6.82 7.39
C LEU A 8 -5.27 7.06 8.83
N ARG A 9 -6.16 7.58 9.66
CA ARG A 9 -5.78 7.85 11.06
C ARG A 9 -5.33 6.59 11.80
N ASP A 10 -5.93 5.45 11.50
CA ASP A 10 -5.55 4.20 12.16
C ASP A 10 -4.21 3.70 11.64
N VAL A 11 -4.04 3.75 10.32
CA VAL A 11 -2.79 3.33 9.71
C VAL A 11 -1.62 4.06 10.38
N PHE A 12 -1.78 5.36 10.60
CA PHE A 12 -0.71 6.16 11.19
C PHE A 12 -0.90 6.46 12.68
N ALA A 13 -1.74 5.67 13.33
CA ALA A 13 -2.04 5.87 14.75
C ALA A 13 -0.80 6.01 15.63
N ASN A 14 0.27 5.30 15.30
CA ASN A 14 1.48 5.36 16.10
C ASN A 14 2.53 6.31 15.55
N ASP A 15 2.18 7.05 14.50
CA ASP A 15 3.11 7.97 13.88
C ASP A 15 2.71 9.44 14.01
N PHE A 16 1.49 9.76 13.61
CA PHE A 16 1.01 11.14 13.69
C PHE A 16 -0.47 11.23 13.36
N ARG A 17 -1.09 12.32 13.78
CA ARG A 17 -2.49 12.53 13.48
C ARG A 17 -2.59 12.80 11.99
N ILE A 18 -3.77 12.56 11.43
CA ILE A 18 -4.04 12.79 10.02
C ILE A 18 -5.18 13.81 9.99
N GLY A 19 -4.97 14.94 9.33
CA GLY A 19 -6.01 15.94 9.31
C GLY A 19 -6.48 16.39 7.94
N ALA A 20 -7.49 17.25 7.95
CA ALA A 20 -8.04 17.81 6.74
C ALA A 20 -8.53 19.24 6.96
N ALA A 21 -8.30 20.09 5.97
CA ALA A 21 -8.78 21.47 6.02
C ALA A 21 -10.22 21.40 5.50
N VAL A 22 -11.15 22.04 6.23
CA VAL A 22 -12.55 22.00 5.83
C VAL A 22 -13.25 23.34 6.03
N ASN A 23 -14.52 23.37 5.62
CA ASN A 23 -15.39 24.52 5.79
C ASN A 23 -16.78 23.88 5.94
N PRO A 24 -17.76 24.60 6.51
CA PRO A 24 -19.09 24.01 6.68
C PRO A 24 -19.65 23.26 5.47
N VAL A 25 -19.40 23.79 4.28
CA VAL A 25 -19.87 23.16 3.05
C VAL A 25 -19.18 21.82 2.76
N THR A 26 -17.86 21.78 2.80
CA THR A 26 -17.15 20.54 2.53
C THR A 26 -17.34 19.52 3.63
N ILE A 27 -17.64 19.98 4.84
CA ILE A 27 -17.88 19.05 5.95
C ILE A 27 -19.09 18.20 5.59
N GLU A 28 -20.09 18.83 4.97
CA GLU A 28 -21.29 18.12 4.56
C GLU A 28 -21.00 17.27 3.32
N MET A 29 -20.38 17.89 2.32
CA MET A 29 -20.05 17.24 1.06
C MET A 29 -19.09 16.05 1.17
N GLN A 30 -18.20 16.07 2.16
CA GLN A 30 -17.21 15.00 2.33
C GLN A 30 -17.29 14.41 3.72
N LYS A 31 -18.43 14.56 4.36
CA LYS A 31 -18.62 14.07 5.72
C LYS A 31 -18.15 12.65 6.02
N GLN A 32 -18.55 11.67 5.22
CA GLN A 32 -18.15 10.30 5.50
C GLN A 32 -16.64 10.07 5.38
N LEU A 33 -16.00 10.71 4.41
CA LEU A 33 -14.55 10.55 4.24
C LEU A 33 -13.84 11.03 5.49
N LEU A 34 -14.24 12.21 5.96
CA LEU A 34 -13.65 12.79 7.16
C LEU A 34 -13.85 11.85 8.35
N ILE A 35 -15.10 11.42 8.54
N ILE A 35 -15.09 11.41 8.54
CA ILE A 35 -15.44 10.53 9.65
CA ILE A 35 -15.42 10.52 9.64
C ILE A 35 -14.63 9.22 9.62
C ILE A 35 -14.60 9.23 9.61
N ASP A 36 -14.43 8.67 8.43
CA ASP A 36 -13.67 7.43 8.29
C ASP A 36 -12.15 7.53 8.33
N HIS A 37 -11.60 8.68 7.99
CA HIS A 37 -10.15 8.82 7.93
C HIS A 37 -9.36 9.78 8.81
N VAL A 38 -9.92 10.92 9.19
CA VAL A 38 -9.13 11.87 9.96
C VAL A 38 -9.39 11.95 11.46
N ASN A 39 -8.40 12.45 12.20
CA ASN A 39 -8.55 12.63 13.65
C ASN A 39 -8.07 14.04 14.01
N SER A 40 -8.10 14.91 13.00
CA SER A 40 -7.74 16.32 13.17
C SER A 40 -8.39 17.12 12.05
N ILE A 41 -8.82 18.34 12.40
N ILE A 41 -8.81 18.35 12.36
CA ILE A 41 -9.48 19.26 11.48
CA ILE A 41 -9.40 19.21 11.35
C ILE A 41 -8.88 20.67 11.54
C ILE A 41 -8.89 20.63 11.51
N THR A 42 -8.86 21.36 10.40
CA THR A 42 -8.38 22.74 10.37
C THR A 42 -9.41 23.52 9.55
N ALA A 43 -9.70 24.75 9.95
CA ALA A 43 -10.64 25.57 9.20
C ALA A 43 -9.86 26.11 8.00
N GLU A 44 -10.36 25.84 6.80
CA GLU A 44 -9.67 26.30 5.60
C GLU A 44 -9.64 27.83 5.53
N ASN A 45 -10.72 28.48 5.96
CA ASN A 45 -10.79 29.94 5.92
C ASN A 45 -11.51 30.62 7.10
N HIS A 46 -12.43 29.90 7.72
CA HIS A 46 -13.24 30.50 8.78
C HIS A 46 -12.67 30.82 10.15
N MET A 47 -11.36 30.70 10.30
CA MET A 47 -10.74 31.06 11.56
C MET A 47 -9.68 32.12 11.27
N LYS A 48 -9.68 32.61 10.03
CA LYS A 48 -8.76 33.66 9.64
C LYS A 48 -9.38 34.97 10.13
N PHE A 49 -8.56 36.01 10.28
CA PHE A 49 -9.03 37.29 10.79
C PHE A 49 -10.31 37.84 10.19
N GLU A 50 -10.37 37.96 8.86
CA GLU A 50 -11.56 38.52 8.20
C GLU A 50 -12.83 37.74 8.47
N HIS A 51 -12.72 36.45 8.77
CA HIS A 51 -13.91 35.64 9.01
C HIS A 51 -14.29 35.54 10.48
N LEU A 52 -13.48 36.11 11.36
CA LEU A 52 -13.77 36.08 12.80
C LEU A 52 -14.11 37.45 13.37
N GLN A 53 -13.45 38.49 12.88
CA GLN A 53 -13.71 39.87 13.32
C GLN A 53 -13.66 40.78 12.10
N PRO A 54 -14.67 40.69 11.23
CA PRO A 54 -14.79 41.47 10.00
C PRO A 54 -14.84 42.98 10.21
N GLU A 55 -15.30 43.38 11.40
CA GLU A 55 -15.39 44.79 11.79
C GLU A 55 -14.94 44.82 13.25
N GLU A 56 -14.34 45.91 13.70
CA GLU A 56 -13.89 45.97 15.09
C GLU A 56 -15.03 45.81 16.10
N GLY A 57 -14.89 44.82 16.98
CA GLY A 57 -15.91 44.58 17.99
C GLY A 57 -17.02 43.68 17.50
N LYS A 58 -16.98 43.32 16.22
CA LYS A 58 -17.98 42.44 15.64
C LYS A 58 -17.34 41.08 15.37
N PHE A 59 -17.64 40.10 16.22
CA PHE A 59 -17.08 38.77 16.05
C PHE A 59 -18.11 37.82 15.45
N THR A 60 -17.68 37.08 14.43
CA THR A 60 -18.57 36.15 13.75
C THR A 60 -18.02 34.72 13.85
N PHE A 61 -18.27 34.09 14.99
CA PHE A 61 -17.79 32.74 15.26
C PHE A 61 -18.67 31.61 14.76
N GLN A 62 -19.79 31.92 14.12
CA GLN A 62 -20.71 30.88 13.67
C GLN A 62 -20.12 29.75 12.85
N GLU A 63 -19.46 30.08 11.74
CA GLU A 63 -18.85 29.06 10.89
C GLU A 63 -17.76 28.29 11.63
N ALA A 64 -16.92 29.01 12.36
CA ALA A 64 -15.84 28.36 13.12
C ALA A 64 -16.43 27.42 14.17
N ASP A 65 -17.49 27.86 14.84
CA ASP A 65 -18.14 27.04 15.86
C ASP A 65 -18.67 25.74 15.25
N ARG A 66 -19.21 25.84 14.05
CA ARG A 66 -19.76 24.67 13.35
C ARG A 66 -18.65 23.66 13.07
N ILE A 67 -17.49 24.16 12.65
CA ILE A 67 -16.37 23.29 12.35
C ILE A 67 -15.86 22.62 13.63
N VAL A 68 -15.74 23.39 14.70
CA VAL A 68 -15.28 22.85 15.97
C VAL A 68 -16.27 21.82 16.51
N ASP A 69 -17.57 22.13 16.41
N ASP A 69 -17.57 22.12 16.41
CA ASP A 69 -18.59 21.20 16.90
CA ASP A 69 -18.58 21.20 16.90
C ASP A 69 -18.47 19.87 16.16
C ASP A 69 -18.49 19.87 16.16
N PHE A 70 -18.30 19.94 14.84
CA PHE A 70 -18.18 18.72 14.04
C PHE A 70 -16.98 17.92 14.55
N ALA A 71 -15.84 18.59 14.71
CA ALA A 71 -14.63 17.92 15.19
C ALA A 71 -14.82 17.26 16.55
N CYS A 72 -15.35 18.03 17.51
CA CYS A 72 -15.56 17.49 18.85
C CYS A 72 -16.57 16.35 18.90
N SER A 73 -17.59 16.41 18.07
CA SER A 73 -18.60 15.35 18.08
C SER A 73 -18.04 14.06 17.50
N HIS A 74 -16.86 14.12 16.90
CA HIS A 74 -16.24 12.92 16.32
C HIS A 74 -14.87 12.67 16.94
N ARG A 75 -14.60 13.30 18.07
CA ARG A 75 -13.34 13.14 18.77
C ARG A 75 -12.14 13.46 17.87
N MET A 76 -12.26 14.53 17.10
CA MET A 76 -11.17 14.97 16.21
C MET A 76 -10.50 16.18 16.83
N ALA A 77 -9.18 16.25 16.72
CA ALA A 77 -8.45 17.40 17.26
C ALA A 77 -8.68 18.54 16.29
N VAL A 78 -8.33 19.75 16.70
CA VAL A 78 -8.49 20.92 15.85
C VAL A 78 -7.26 21.80 15.91
N ARG A 79 -6.80 22.25 14.74
CA ARG A 79 -5.66 23.16 14.65
C ARG A 79 -6.27 24.52 14.30
N GLY A 80 -5.85 25.56 15.02
CA GLY A 80 -6.37 26.89 14.75
C GLY A 80 -5.53 27.58 13.69
N HIS A 81 -6.18 28.05 12.64
CA HIS A 81 -5.51 28.72 11.53
C HIS A 81 -6.35 29.92 11.09
N THR A 82 -5.85 31.16 11.20
CA THR A 82 -4.54 31.53 11.72
C THR A 82 -4.72 32.95 12.30
N LEU A 83 -3.91 33.33 13.27
CA LEU A 83 -4.09 34.64 13.92
C LEU A 83 -3.50 35.88 13.21
N VAL A 84 -2.21 35.88 12.96
CA VAL A 84 -1.57 37.04 12.32
C VAL A 84 -0.98 36.68 10.96
N TRP A 85 -1.54 37.26 9.91
CA TRP A 85 -1.14 36.98 8.54
C TRP A 85 -1.27 38.25 7.69
N HIS A 86 -0.45 38.37 6.64
CA HIS A 86 -0.53 39.54 5.77
C HIS A 86 -1.72 39.46 4.84
N ASN A 87 -2.37 38.30 4.79
CA ASN A 87 -3.54 38.10 3.93
C ASN A 87 -4.80 37.94 4.77
N GLN A 88 -5.94 38.05 4.10
CA GLN A 88 -7.25 37.90 4.72
C GLN A 88 -7.43 38.55 6.08
N THR A 89 -7.01 39.82 6.18
CA THR A 89 -7.13 40.63 7.39
C THR A 89 -7.75 41.94 6.92
N PRO A 90 -8.93 42.30 7.46
CA PRO A 90 -9.64 43.54 7.10
C PRO A 90 -8.82 44.81 7.25
N ASP A 91 -9.11 45.81 6.42
CA ASP A 91 -8.39 47.07 6.46
C ASP A 91 -8.56 47.84 7.77
N TRP A 92 -9.73 47.70 8.41
CA TRP A 92 -9.98 48.43 9.65
C TRP A 92 -8.89 48.19 10.68
N VAL A 93 -8.33 46.99 10.69
CA VAL A 93 -7.31 46.61 11.66
C VAL A 93 -6.09 47.56 11.68
N PHE A 94 -5.74 48.10 10.53
CA PHE A 94 -4.59 48.98 10.43
C PHE A 94 -4.89 50.46 10.31
N GLN A 95 -6.17 50.81 10.22
CA GLN A 95 -6.57 52.20 10.07
C GLN A 95 -7.23 52.83 11.30
N ASP A 96 -7.33 54.16 11.27
CA ASP A 96 -7.96 54.92 12.34
C ASP A 96 -9.24 55.52 11.75
N GLY A 97 -9.70 56.62 12.33
CA GLY A 97 -10.91 57.25 11.83
C GLY A 97 -10.68 57.94 10.49
N GLN A 98 -9.56 58.66 10.39
CA GLN A 98 -9.22 59.38 9.16
C GLN A 98 -8.72 58.46 8.05
N GLY A 99 -8.70 57.16 8.32
CA GLY A 99 -8.25 56.20 7.33
C GLY A 99 -6.74 56.06 7.32
N HIS A 100 -6.09 56.76 8.25
CA HIS A 100 -4.63 56.73 8.36
C HIS A 100 -4.22 55.50 9.17
N PHE A 101 -2.96 55.10 9.04
CA PHE A 101 -2.44 53.94 9.77
C PHE A 101 -2.37 54.24 11.26
N VAL A 102 -2.83 53.29 12.07
CA VAL A 102 -2.78 53.47 13.51
C VAL A 102 -1.34 53.33 13.98
N SER A 103 -1.11 53.66 15.25
CA SER A 103 0.22 53.58 15.82
C SER A 103 0.57 52.16 16.23
N ARG A 104 1.82 51.97 16.64
CA ARG A 104 2.32 50.68 17.09
C ARG A 104 1.51 50.17 18.29
N ASP A 105 1.34 51.02 19.29
CA ASP A 105 0.59 50.63 20.48
C ASP A 105 -0.87 50.31 20.20
N VAL A 106 -1.50 51.04 19.29
CA VAL A 106 -2.89 50.78 18.97
C VAL A 106 -3.03 49.45 18.24
N LEU A 107 -2.13 49.17 17.31
CA LEU A 107 -2.20 47.90 16.58
C LEU A 107 -1.94 46.73 17.53
N LEU A 108 -1.03 46.91 18.48
CA LEU A 108 -0.74 45.86 19.43
C LEU A 108 -1.96 45.59 20.30
N GLU A 109 -2.70 46.65 20.65
CA GLU A 109 -3.90 46.49 21.47
C GLU A 109 -4.91 45.66 20.68
N ARG A 110 -5.13 46.04 19.42
CA ARG A 110 -6.05 45.33 18.56
C ARG A 110 -5.62 43.87 18.37
N MET A 111 -4.32 43.65 18.18
CA MET A 111 -3.81 42.29 18.00
C MET A 111 -4.09 41.47 19.25
N LYS A 112 -3.76 42.02 20.42
CA LYS A 112 -3.98 41.30 21.67
C LYS A 112 -5.46 41.00 21.90
N CYS A 113 -6.32 41.97 21.62
CA CYS A 113 -7.75 41.77 21.82
C CYS A 113 -8.27 40.64 20.93
N HIS A 114 -7.88 40.68 19.65
CA HIS A 114 -8.32 39.66 18.71
C HIS A 114 -7.84 38.28 19.16
N ILE A 115 -6.53 38.16 19.41
CA ILE A 115 -5.96 36.89 19.82
C ILE A 115 -6.59 36.39 21.12
N SER A 116 -6.72 37.29 22.09
N SER A 116 -6.72 37.29 22.10
CA SER A 116 -7.30 36.94 23.38
CA SER A 116 -7.30 36.91 23.38
C SER A 116 -8.73 36.41 23.24
C SER A 116 -8.73 36.39 23.22
N THR A 117 -9.55 37.15 22.49
CA THR A 117 -10.94 36.76 22.30
C THR A 117 -11.10 35.44 21.55
N VAL A 118 -10.39 35.30 20.44
CA VAL A 118 -10.46 34.09 19.63
C VAL A 118 -9.90 32.86 20.36
N VAL A 119 -8.68 32.98 20.89
CA VAL A 119 -8.07 31.86 21.58
C VAL A 119 -8.84 31.42 22.82
N ARG A 120 -9.34 32.37 23.61
N ARG A 120 -9.34 32.37 23.60
CA ARG A 120 -10.09 32.00 24.81
CA ARG A 120 -10.10 32.04 24.81
C ARG A 120 -11.38 31.26 24.49
C ARG A 120 -11.38 31.27 24.49
N ARG A 121 -12.06 31.67 23.42
CA ARG A 121 -13.31 31.00 23.05
C ARG A 121 -13.13 29.50 22.82
N TYR A 122 -12.05 29.15 22.14
CA TYR A 122 -11.78 27.76 21.81
C TYR A 122 -10.79 27.03 22.70
N LYS A 123 -10.37 27.68 23.79
CA LYS A 123 -9.44 27.05 24.72
C LYS A 123 -10.04 25.71 25.14
N GLY A 124 -9.20 24.68 25.21
CA GLY A 124 -9.71 23.38 25.61
C GLY A 124 -10.32 22.57 24.48
N LYS A 125 -10.50 23.18 23.31
CA LYS A 125 -11.07 22.47 22.16
C LYS A 125 -10.04 22.46 21.03
N ILE A 126 -9.26 23.53 20.93
CA ILE A 126 -8.23 23.66 19.91
C ILE A 126 -6.89 23.50 20.64
N TYR A 127 -6.10 22.50 20.27
CA TYR A 127 -4.83 22.24 20.94
C TYR A 127 -3.60 22.96 20.39
N CYS A 128 -3.72 23.61 19.24
CA CYS A 128 -2.60 24.35 18.69
C CYS A 128 -3.09 25.48 17.79
N TRP A 129 -2.25 26.48 17.61
CA TRP A 129 -2.58 27.64 16.79
C TRP A 129 -1.44 28.07 15.88
N ASP A 130 -1.76 28.40 14.63
CA ASP A 130 -0.75 28.94 13.73
C ASP A 130 -0.86 30.41 14.11
N VAL A 131 0.03 30.86 14.98
CA VAL A 131 0.00 32.25 15.45
C VAL A 131 0.46 33.21 14.37
N ILE A 132 1.62 32.93 13.78
CA ILE A 132 2.18 33.75 12.71
C ILE A 132 2.20 32.89 11.46
N ASN A 133 1.68 33.44 10.37
CA ASN A 133 1.62 32.71 9.12
C ASN A 133 2.36 33.46 8.01
N GLU A 134 3.32 32.78 7.39
CA GLU A 134 4.06 33.32 6.24
C GLU A 134 4.74 34.68 6.39
N ALA A 135 5.35 34.94 7.54
CA ALA A 135 6.01 36.22 7.76
C ALA A 135 7.34 36.33 7.00
N VAL A 136 7.97 35.20 6.73
CA VAL A 136 9.23 35.18 6.02
C VAL A 136 9.04 35.48 4.53
N ALA A 137 9.97 36.24 3.95
CA ALA A 137 9.90 36.59 2.53
C ALA A 137 10.04 35.35 1.67
N ASP A 138 9.24 35.27 0.60
CA ASP A 138 9.31 34.12 -0.29
C ASP A 138 10.24 34.40 -1.46
N GLU A 139 10.79 35.62 -1.49
CA GLU A 139 11.71 36.02 -2.54
C GLU A 139 12.60 37.14 -2.02
N GLY A 140 13.72 37.37 -2.69
CA GLY A 140 14.62 38.43 -2.27
C GLY A 140 15.63 37.97 -1.23
N ASP A 141 16.47 38.91 -0.77
CA ASP A 141 17.48 38.58 0.22
C ASP A 141 17.04 38.95 1.62
N GLU A 142 15.93 39.68 1.73
CA GLU A 142 15.40 40.09 3.03
C GLU A 142 14.85 38.90 3.79
N LEU A 143 14.92 38.97 5.12
CA LEU A 143 14.42 37.89 5.96
C LEU A 143 12.89 37.91 5.98
N LEU A 144 12.32 39.08 6.23
CA LEU A 144 10.88 39.23 6.35
C LEU A 144 10.15 39.84 5.16
N ARG A 145 8.95 39.33 4.96
CA ARG A 145 8.06 39.78 3.90
C ARG A 145 7.48 41.10 4.41
N PRO A 146 7.15 42.03 3.51
CA PRO A 146 6.59 43.27 4.05
C PRO A 146 5.10 43.08 4.34
N SER A 147 4.61 43.73 5.40
CA SER A 147 3.19 43.65 5.75
C SER A 147 2.86 44.82 6.65
N LYS A 148 1.58 45.14 6.76
N LYS A 148 1.58 45.14 6.76
CA LYS A 148 1.16 46.25 7.59
CA LYS A 148 1.15 46.25 7.60
C LYS A 148 1.45 45.96 9.07
C LYS A 148 1.44 45.96 9.07
N TRP A 149 1.39 44.68 9.45
CA TRP A 149 1.67 44.30 10.83
C TRP A 149 3.09 44.74 11.16
N ARG A 150 4.02 44.32 10.32
CA ARG A 150 5.43 44.63 10.49
C ARG A 150 5.71 46.12 10.34
N GLN A 151 5.13 46.73 9.33
CA GLN A 151 5.30 48.15 9.05
C GLN A 151 4.90 49.05 10.22
N ILE A 152 3.73 48.79 10.79
CA ILE A 152 3.21 49.60 11.88
C ILE A 152 3.83 49.26 13.25
N ILE A 153 3.92 47.99 13.58
CA ILE A 153 4.45 47.58 14.86
C ILE A 153 5.98 47.51 14.94
N GLY A 154 6.59 46.97 13.90
CA GLY A 154 8.04 46.81 13.88
C GLY A 154 8.31 45.32 13.78
N ASP A 155 9.56 44.93 13.64
CA ASP A 155 9.91 43.53 13.50
C ASP A 155 9.64 42.62 14.71
N ASP A 156 9.31 43.21 15.85
CA ASP A 156 9.03 42.40 17.04
C ASP A 156 7.54 42.07 17.14
N PHE A 157 6.79 42.34 16.08
CA PHE A 157 5.36 42.05 16.07
C PHE A 157 5.06 40.57 16.28
N MET A 158 6.00 39.71 15.85
CA MET A 158 5.81 38.27 16.00
C MET A 158 6.00 37.85 17.45
N GLU A 159 7.00 38.45 18.10
CA GLU A 159 7.29 38.15 19.49
C GLU A 159 6.04 38.44 20.32
N GLN A 160 5.42 39.58 20.05
CA GLN A 160 4.22 40.01 20.74
C GLN A 160 3.05 39.07 20.47
N ALA A 161 2.86 38.70 19.21
CA ALA A 161 1.76 37.81 18.85
C ALA A 161 1.85 36.49 19.62
N PHE A 162 3.03 35.89 19.68
CA PHE A 162 3.22 34.63 20.41
C PHE A 162 2.98 34.80 21.91
N LEU A 163 3.44 35.91 22.47
CA LEU A 163 3.27 36.16 23.90
C LEU A 163 1.78 36.34 24.23
N TYR A 164 1.05 37.01 23.35
CA TYR A 164 -0.39 37.22 23.55
C TYR A 164 -1.14 35.89 23.50
N ALA A 165 -0.78 35.03 22.54
CA ALA A 165 -1.44 33.74 22.40
C ALA A 165 -1.14 32.84 23.59
N TYR A 166 0.11 32.85 24.04
CA TYR A 166 0.53 32.03 25.17
C TYR A 166 -0.26 32.43 26.41
N GLU A 167 -0.44 33.73 26.60
CA GLU A 167 -1.20 34.23 27.75
C GLU A 167 -2.67 33.80 27.64
N ALA A 168 -3.22 33.84 26.43
CA ALA A 168 -4.61 33.45 26.21
C ALA A 168 -4.85 31.97 26.50
N ASP A 169 -3.89 31.12 26.15
CA ASP A 169 -3.99 29.68 26.40
C ASP A 169 -2.61 29.05 26.47
N PRO A 170 -1.98 29.08 27.66
CA PRO A 170 -0.64 28.52 27.88
C PRO A 170 -0.49 27.03 27.61
N ASP A 171 -1.62 26.33 27.44
CA ASP A 171 -1.58 24.90 27.17
C ASP A 171 -1.56 24.60 25.67
N ALA A 172 -1.78 25.61 24.85
CA ALA A 172 -1.79 25.41 23.40
C ALA A 172 -0.38 25.39 22.82
N LEU A 173 -0.19 24.64 21.74
CA LEU A 173 1.11 24.61 21.09
C LEU A 173 1.02 25.75 20.06
N LEU A 174 1.98 26.66 20.11
CA LEU A 174 1.98 27.81 19.20
C LEU A 174 2.95 27.59 18.05
N PHE A 175 2.45 27.80 16.83
CA PHE A 175 3.23 27.57 15.62
C PHE A 175 3.54 28.76 14.73
N TYR A 176 4.68 28.65 14.03
CA TYR A 176 5.07 29.61 13.00
C TYR A 176 4.79 28.69 11.80
N ASN A 177 3.92 29.13 10.89
CA ASN A 177 3.51 28.32 9.74
C ASN A 177 3.92 29.00 8.42
N ASP A 178 4.38 28.23 7.44
CA ASP A 178 4.80 28.82 6.16
C ASP A 178 4.87 27.78 5.03
N TYR A 179 4.95 28.25 3.79
CA TYR A 179 5.05 27.37 2.62
C TYR A 179 6.43 27.50 1.97
N ASN A 180 6.73 26.64 1.00
CA ASN A 180 8.05 26.61 0.35
C ASN A 180 9.10 26.48 1.45
N GLU A 181 8.69 25.79 2.50
CA GLU A 181 9.52 25.58 3.68
C GLU A 181 10.74 24.67 3.51
N CYS A 182 10.82 23.99 2.36
CA CYS A 182 11.95 23.09 2.11
C CYS A 182 12.97 23.61 1.12
N PHE A 183 12.70 24.74 0.46
CA PHE A 183 13.69 25.28 -0.45
C PHE A 183 14.75 25.89 0.47
N PRO A 184 16.01 25.44 0.36
CA PRO A 184 17.16 25.88 1.17
C PRO A 184 17.21 27.34 1.62
N GLU A 185 17.13 28.26 0.68
CA GLU A 185 17.19 29.68 1.03
C GLU A 185 16.11 30.09 2.03
N LYS A 186 14.86 29.72 1.76
CA LYS A 186 13.76 30.07 2.65
C LYS A 186 13.85 29.26 3.95
N ARG A 187 14.26 28.01 3.84
CA ARG A 187 14.40 27.14 5.01
C ARG A 187 15.32 27.81 6.03
N GLU A 188 16.45 28.31 5.55
CA GLU A 188 17.40 28.97 6.44
C GLU A 188 16.85 30.25 7.08
N LYS A 189 15.98 30.94 6.35
CA LYS A 189 15.37 32.16 6.89
C LYS A 189 14.40 31.77 8.00
N ILE A 190 13.59 30.74 7.73
CA ILE A 190 12.63 30.26 8.72
C ILE A 190 13.35 29.74 9.96
N PHE A 191 14.42 28.98 9.74
CA PHE A 191 15.22 28.43 10.83
C PHE A 191 15.78 29.58 11.67
N ALA A 192 16.38 30.56 10.98
CA ALA A 192 16.97 31.71 11.65
C ALA A 192 15.93 32.47 12.46
N LEU A 193 14.76 32.68 11.87
CA LEU A 193 13.70 33.40 12.55
C LEU A 193 13.25 32.70 13.83
N VAL A 194 12.87 31.43 13.70
CA VAL A 194 12.40 30.67 14.86
C VAL A 194 13.50 30.55 15.91
N LYS A 195 14.73 30.31 15.49
CA LYS A 195 15.84 30.21 16.41
C LYS A 195 15.99 31.51 17.22
N SER A 196 15.88 32.64 16.53
N SER A 196 15.89 32.64 16.54
CA SER A 196 15.99 33.95 17.17
CA SER A 196 16.01 33.94 17.21
C SER A 196 14.91 34.16 18.22
C SER A 196 14.91 34.13 18.25
N LEU A 197 13.69 33.74 17.89
CA LEU A 197 12.55 33.87 18.81
C LEU A 197 12.76 32.96 20.01
N ARG A 198 13.14 31.71 19.74
CA ARG A 198 13.40 30.72 20.78
C ARG A 198 14.53 31.19 21.68
N ASP A 199 15.56 31.80 21.08
CA ASP A 199 16.70 32.27 21.86
C ASP A 199 16.33 33.46 22.74
N LYS A 200 15.14 34.02 22.51
CA LYS A 200 14.67 35.14 23.32
C LYS A 200 13.64 34.66 24.34
N GLY A 201 13.43 33.36 24.40
CA GLY A 201 12.47 32.81 25.33
C GLY A 201 11.02 32.97 24.88
N ILE A 202 10.82 33.31 23.61
CA ILE A 202 9.47 33.50 23.08
C ILE A 202 8.77 32.14 23.02
N PRO A 203 7.52 32.07 23.48
CA PRO A 203 6.77 30.81 23.47
C PRO A 203 6.33 30.28 22.10
N ILE A 204 7.28 29.84 21.30
CA ILE A 204 6.95 29.26 20.01
C ILE A 204 7.32 27.79 20.19
N HIS A 205 6.33 26.91 20.05
CA HIS A 205 6.56 25.49 20.27
C HIS A 205 6.69 24.63 19.03
N GLY A 206 6.28 25.15 17.88
CA GLY A 206 6.38 24.34 16.69
C GLY A 206 6.48 25.10 15.39
N ILE A 207 6.86 24.37 14.35
CA ILE A 207 6.96 24.94 13.02
C ILE A 207 5.98 24.18 12.15
N GLY A 208 5.18 24.93 11.41
CA GLY A 208 4.19 24.32 10.55
C GLY A 208 4.72 24.33 9.13
N MET A 209 4.83 23.15 8.54
CA MET A 209 5.29 23.00 7.16
C MET A 209 4.05 22.81 6.31
N GLN A 210 3.67 23.85 5.58
CA GLN A 210 2.46 23.78 4.75
C GLN A 210 2.50 22.65 3.74
N ALA A 211 3.65 22.44 3.14
CA ALA A 211 3.83 21.38 2.17
C ALA A 211 2.91 21.48 0.95
N HIS A 212 2.79 22.67 0.38
CA HIS A 212 2.01 22.81 -0.85
C HIS A 212 3.06 22.43 -1.89
N TRP A 213 3.14 21.13 -2.15
CA TRP A 213 4.15 20.60 -3.06
C TRP A 213 3.70 20.21 -4.46
N SER A 214 4.67 19.90 -5.32
CA SER A 214 4.40 19.47 -6.69
C SER A 214 4.95 18.06 -6.83
N LEU A 215 4.85 17.50 -8.03
CA LEU A 215 5.37 16.15 -8.25
C LEU A 215 6.90 16.09 -8.13
N THR A 216 7.55 17.19 -8.48
N THR A 216 7.57 17.19 -8.47
CA THR A 216 9.02 17.25 -8.46
CA THR A 216 9.03 17.21 -8.42
C THR A 216 9.62 18.05 -7.31
C THR A 216 9.63 18.04 -7.29
N ARG A 217 8.95 19.12 -6.89
CA ARG A 217 9.48 19.98 -5.82
C ARG A 217 8.66 20.01 -4.54
N PRO A 218 9.33 20.02 -3.37
CA PRO A 218 10.80 19.97 -3.24
C PRO A 218 11.25 18.52 -3.35
N SER A 219 12.56 18.30 -3.45
CA SER A 219 13.07 16.93 -3.53
C SER A 219 12.99 16.27 -2.16
N LEU A 220 13.06 14.94 -2.14
CA LEU A 220 13.01 14.20 -0.90
C LEU A 220 14.19 14.63 -0.03
N ASP A 221 15.34 14.85 -0.64
CA ASP A 221 16.51 15.28 0.13
C ASP A 221 16.25 16.64 0.78
N GLU A 222 15.57 17.54 0.06
CA GLU A 222 15.26 18.85 0.61
C GLU A 222 14.27 18.71 1.75
N ILE A 223 13.31 17.81 1.62
CA ILE A 223 12.32 17.60 2.66
C ILE A 223 13.02 17.05 3.90
N ARG A 224 13.87 16.04 3.72
CA ARG A 224 14.60 15.44 4.84
C ARG A 224 15.47 16.49 5.53
N ALA A 225 16.18 17.29 4.74
CA ALA A 225 17.04 18.33 5.30
C ALA A 225 16.25 19.38 6.09
N ALA A 226 15.08 19.74 5.59
CA ALA A 226 14.25 20.73 6.26
C ALA A 226 13.72 20.18 7.59
N ILE A 227 13.25 18.94 7.57
CA ILE A 227 12.74 18.29 8.77
C ILE A 227 13.84 18.29 9.85
N GLU A 228 15.03 17.85 9.47
CA GLU A 228 16.15 17.79 10.41
C GLU A 228 16.56 19.17 10.89
N ARG A 229 16.62 20.13 9.98
CA ARG A 229 17.00 21.49 10.33
C ARG A 229 16.03 22.09 11.34
N TYR A 230 14.73 21.96 11.08
CA TYR A 230 13.74 22.51 11.99
C TYR A 230 13.69 21.73 13.31
N ALA A 231 13.77 20.41 13.22
CA ALA A 231 13.73 19.57 14.40
C ALA A 231 14.90 19.86 15.34
N SER A 232 16.03 20.30 14.79
CA SER A 232 17.21 20.59 15.60
C SER A 232 16.98 21.78 16.55
N LEU A 233 15.91 22.52 16.34
CA LEU A 233 15.59 23.66 17.20
C LEU A 233 14.83 23.20 18.45
N GLY A 234 14.42 21.94 18.48
CA GLY A 234 13.70 21.40 19.62
C GLY A 234 12.22 21.68 19.57
N VAL A 235 11.73 22.08 18.41
CA VAL A 235 10.30 22.37 18.25
C VAL A 235 9.58 21.17 17.68
N VAL A 236 8.26 21.14 17.85
N VAL A 236 8.26 21.15 17.85
CA VAL A 236 7.45 20.06 17.32
CA VAL A 236 7.44 20.07 17.32
C VAL A 236 7.18 20.43 15.86
C VAL A 236 7.16 20.44 15.86
N LEU A 237 6.95 19.43 15.02
CA LEU A 237 6.67 19.69 13.61
C LEU A 237 5.32 19.17 13.18
N HIS A 238 4.58 19.99 12.43
CA HIS A 238 3.29 19.60 11.89
C HIS A 238 3.34 19.89 10.38
N ILE A 239 2.85 18.96 9.57
CA ILE A 239 2.75 19.21 8.13
C ILE A 239 1.32 19.74 8.15
N THR A 240 1.13 20.99 7.74
CA THR A 240 -0.18 21.61 7.87
C THR A 240 -1.16 21.79 6.71
N ALA A 241 -0.69 21.74 5.47
CA ALA A 241 -1.58 21.95 4.35
C ALA A 241 -1.12 21.15 3.12
N LEU A 242 -0.78 19.89 3.37
CA LEU A 242 -0.27 19.01 2.32
C LEU A 242 -1.18 18.77 1.14
N ASP A 243 -0.58 18.87 -0.05
CA ASP A 243 -1.21 18.55 -1.32
C ASP A 243 -0.08 18.43 -2.33
N VAL A 244 -0.28 17.58 -3.33
CA VAL A 244 0.71 17.34 -4.35
C VAL A 244 0.08 17.72 -5.69
N SER A 245 0.38 18.94 -6.13
CA SER A 245 -0.16 19.47 -7.38
C SER A 245 0.35 18.72 -8.59
N MET A 246 -0.55 18.54 -9.57
CA MET A 246 -0.19 17.85 -10.81
C MET A 246 0.54 18.81 -11.75
N PHE A 247 0.63 20.07 -11.35
CA PHE A 247 1.29 21.10 -12.16
C PHE A 247 2.45 21.77 -11.44
N GLU A 248 3.60 21.87 -12.12
CA GLU A 248 4.75 22.55 -11.54
C GLU A 248 4.41 24.05 -11.60
N PHE A 249 5.14 24.85 -10.84
CA PHE A 249 4.90 26.29 -10.80
C PHE A 249 4.87 26.96 -12.17
N HIS A 250 5.76 26.53 -13.07
CA HIS A 250 5.85 27.10 -14.41
C HIS A 250 4.74 26.61 -15.34
N ASP A 251 4.11 25.50 -14.97
CA ASP A 251 3.05 24.88 -15.76
C ASP A 251 1.69 25.52 -15.51
N ARG A 252 1.29 26.44 -16.40
CA ARG A 252 0.01 27.11 -16.25
C ARG A 252 -1.03 26.68 -17.30
N ARG A 253 -0.99 25.41 -17.70
CA ARG A 253 -1.94 24.89 -18.68
C ARG A 253 -3.35 24.94 -18.11
N THR A 254 -4.35 24.96 -18.99
CA THR A 254 -5.74 25.00 -18.55
C THR A 254 -6.62 24.08 -19.39
N ASP A 255 -6.00 23.37 -20.32
N ASP A 255 -6.01 23.37 -20.33
CA ASP A 255 -6.73 22.46 -21.20
CA ASP A 255 -6.76 22.49 -21.22
C ASP A 255 -7.02 21.10 -20.60
C ASP A 255 -6.76 21.02 -20.80
N LEU A 256 -6.13 20.61 -19.75
N LEU A 256 -6.32 20.73 -19.58
CA LEU A 256 -6.30 19.29 -19.14
CA LEU A 256 -6.31 19.36 -19.09
C LEU A 256 -7.64 19.07 -18.44
C LEU A 256 -7.64 19.06 -18.41
N ALA A 257 -8.42 18.15 -19.00
CA ALA A 257 -9.71 17.82 -18.43
C ALA A 257 -9.57 16.72 -17.40
N ALA A 258 -8.41 16.06 -17.44
CA ALA A 258 -8.11 14.97 -16.53
C ALA A 258 -6.60 14.74 -16.49
N PRO A 259 -6.06 14.27 -15.36
CA PRO A 259 -4.62 14.04 -15.26
C PRO A 259 -4.26 12.82 -16.10
N THR A 260 -3.04 12.80 -16.65
CA THR A 260 -2.61 11.68 -17.46
C THR A 260 -2.28 10.49 -16.56
N SER A 261 -2.15 9.32 -17.15
CA SER A 261 -1.81 8.12 -16.39
C SER A 261 -0.44 8.33 -15.75
N GLU A 262 0.42 9.06 -16.44
CA GLU A 262 1.76 9.35 -15.95
C GLU A 262 1.69 10.20 -14.69
N MET A 263 0.84 11.23 -14.71
CA MET A 263 0.67 12.12 -13.56
C MET A 263 0.18 11.32 -12.36
N ILE A 264 -0.88 10.54 -12.57
CA ILE A 264 -1.45 9.73 -11.50
C ILE A 264 -0.42 8.78 -10.91
N GLU A 265 0.36 8.15 -11.79
CA GLU A 265 1.38 7.20 -11.38
C GLU A 265 2.51 7.88 -10.60
N ARG A 266 2.99 9.00 -11.12
CA ARG A 266 4.06 9.72 -10.43
C ARG A 266 3.54 10.27 -9.11
N GLN A 267 2.28 10.70 -9.07
CA GLN A 267 1.72 11.24 -7.84
C GLN A 267 1.67 10.14 -6.77
N ALA A 268 1.32 8.92 -7.20
CA ALA A 268 1.26 7.78 -6.28
C ALA A 268 2.65 7.53 -5.69
N GLU A 269 3.66 7.51 -6.55
CA GLU A 269 5.03 7.29 -6.10
C GLU A 269 5.46 8.41 -5.15
N ARG A 270 5.18 9.64 -5.57
CA ARG A 270 5.51 10.84 -4.80
C ARG A 270 4.90 10.76 -3.39
N TYR A 271 3.61 10.46 -3.30
CA TYR A 271 2.97 10.35 -1.99
C TYR A 271 3.54 9.22 -1.15
N GLY A 272 3.91 8.12 -1.80
CA GLY A 272 4.49 7.00 -1.06
C GLY A 272 5.83 7.39 -0.47
N GLN A 273 6.64 8.09 -1.26
CA GLN A 273 7.96 8.54 -0.81
C GLN A 273 7.83 9.56 0.31
N ILE A 274 6.85 10.44 0.18
N ILE A 274 6.86 10.45 0.18
CA ILE A 274 6.60 11.48 1.17
CA ILE A 274 6.63 11.48 1.19
C ILE A 274 6.26 10.86 2.53
C ILE A 274 6.26 10.87 2.54
N PHE A 275 5.29 9.97 2.54
CA PHE A 275 4.87 9.34 3.78
C PHE A 275 5.91 8.38 4.34
N ALA A 276 6.75 7.81 3.49
CA ALA A 276 7.80 6.93 3.98
C ALA A 276 8.75 7.81 4.78
N LEU A 277 9.03 9.00 4.24
CA LEU A 277 9.93 9.94 4.91
C LEU A 277 9.29 10.46 6.20
N PHE A 278 8.01 10.80 6.15
CA PHE A 278 7.32 11.29 7.35
C PHE A 278 7.38 10.24 8.46
N LYS A 279 7.12 8.99 8.09
CA LYS A 279 7.12 7.89 9.05
C LYS A 279 8.52 7.76 9.66
N GLU A 280 9.55 7.92 8.83
CA GLU A 280 10.92 7.83 9.30
C GLU A 280 11.15 8.85 10.42
N TYR A 281 10.50 10.01 10.30
CA TYR A 281 10.64 11.07 11.30
C TYR A 281 9.44 11.21 12.23
N ARG A 282 8.80 10.09 12.51
CA ARG A 282 7.64 10.07 13.40
C ARG A 282 7.93 10.66 14.77
N ASP A 283 9.19 10.65 15.19
CA ASP A 283 9.54 11.19 16.50
C ASP A 283 9.44 12.71 16.61
N VAL A 284 9.52 13.41 15.48
N VAL A 284 9.51 13.41 15.49
CA VAL A 284 9.43 14.86 15.49
CA VAL A 284 9.40 14.87 15.51
C VAL A 284 8.17 15.40 14.79
C VAL A 284 8.14 15.39 14.82
N ILE A 285 7.59 14.59 13.91
CA ILE A 285 6.36 15.00 13.22
C ILE A 285 5.19 14.42 13.99
N GLN A 286 4.30 15.29 14.48
CA GLN A 286 3.17 14.81 15.26
C GLN A 286 1.82 14.89 14.56
N SER A 287 1.77 15.55 13.42
CA SER A 287 0.52 15.68 12.69
C SER A 287 0.75 16.00 11.21
N VAL A 288 -0.07 15.41 10.36
CA VAL A 288 -0.01 15.64 8.93
C VAL A 288 -1.43 15.94 8.45
N THR A 289 -1.65 17.18 8.07
N THR A 289 -1.70 17.19 8.09
CA THR A 289 -2.95 17.65 7.61
CA THR A 289 -3.02 17.55 7.61
C THR A 289 -2.88 17.96 6.11
C THR A 289 -2.95 18.00 6.17
N PHE A 290 -3.85 17.46 5.35
CA PHE A 290 -3.91 17.76 3.92
C PHE A 290 -4.78 18.99 3.81
N TRP A 291 -4.55 19.83 2.80
CA TRP A 291 -5.38 21.00 2.65
C TRP A 291 -6.62 20.59 1.84
N GLY A 292 -7.44 19.73 2.47
CA GLY A 292 -8.64 19.20 1.85
C GLY A 292 -8.58 17.70 2.06
N ILE A 293 -9.40 16.93 1.34
CA ILE A 293 -9.35 15.50 1.49
C ILE A 293 -9.63 14.71 0.21
N ALA A 294 -10.46 15.26 -0.68
CA ALA A 294 -10.77 14.58 -1.94
C ALA A 294 -10.72 15.60 -3.07
N ASP A 295 -10.38 15.14 -4.28
CA ASP A 295 -10.25 16.04 -5.42
C ASP A 295 -11.49 16.83 -5.85
N ASP A 296 -12.64 16.59 -5.22
CA ASP A 296 -13.83 17.35 -5.59
C ASP A 296 -13.79 18.74 -4.95
N HIS A 297 -12.79 18.97 -4.09
CA HIS A 297 -12.61 20.27 -3.47
C HIS A 297 -11.15 20.55 -3.15
N THR A 298 -10.59 21.52 -3.86
CA THR A 298 -9.20 21.91 -3.64
C THR A 298 -8.98 23.34 -4.12
N TRP A 299 -8.32 24.13 -3.29
CA TRP A 299 -8.03 25.51 -3.62
C TRP A 299 -7.14 25.59 -4.87
N LEU A 300 -6.47 24.48 -5.21
CA LEU A 300 -5.59 24.47 -6.37
C LEU A 300 -6.35 24.50 -7.70
N ASP A 301 -7.68 24.40 -7.64
CA ASP A 301 -8.48 24.46 -8.85
C ASP A 301 -8.46 25.88 -9.37
N ASN A 302 -8.18 26.83 -8.49
CA ASN A 302 -8.16 28.24 -8.88
C ASN A 302 -6.86 28.96 -8.56
N PHE A 303 -5.88 28.21 -8.09
CA PHE A 303 -4.57 28.78 -7.76
C PHE A 303 -3.47 27.82 -8.16
N PRO A 304 -2.40 28.34 -8.80
CA PRO A 304 -2.22 29.75 -9.14
C PRO A 304 -2.96 30.16 -10.41
N VAL A 305 -3.62 29.19 -11.04
CA VAL A 305 -4.37 29.44 -12.26
C VAL A 305 -5.87 29.33 -12.00
N HIS A 306 -6.59 30.42 -12.18
CA HIS A 306 -8.02 30.42 -11.94
C HIS A 306 -8.80 29.69 -13.03
N GLY A 307 -9.81 28.93 -12.61
CA GLY A 307 -10.64 28.24 -13.57
C GLY A 307 -10.23 26.88 -14.08
N ARG A 308 -9.12 26.32 -13.58
CA ARG A 308 -8.75 25.00 -14.08
C ARG A 308 -9.07 23.93 -13.05
N LYS A 309 -8.56 22.72 -13.26
CA LYS A 309 -8.82 21.64 -12.33
C LYS A 309 -7.51 20.96 -11.95
N ASN A 310 -7.41 20.56 -10.68
CA ASN A 310 -6.23 19.87 -10.19
C ASN A 310 -6.73 18.63 -9.45
N TRP A 311 -5.85 17.66 -9.22
CA TRP A 311 -6.20 16.41 -8.53
C TRP A 311 -5.00 16.17 -7.61
N PRO A 312 -4.89 16.97 -6.54
N PRO A 312 -4.89 16.98 -6.54
CA PRO A 312 -3.80 16.91 -5.56
CA PRO A 312 -3.82 16.95 -5.53
C PRO A 312 -3.91 16.01 -4.33
C PRO A 312 -3.92 16.04 -4.31
N LEU A 313 -5.08 15.41 -4.11
CA LEU A 313 -5.26 14.58 -2.91
C LEU A 313 -5.26 13.05 -3.03
N LEU A 314 -5.52 12.37 -1.92
CA LEU A 314 -5.53 10.90 -1.92
C LEU A 314 -6.80 10.23 -2.44
N PHE A 315 -7.90 10.97 -2.48
CA PHE A 315 -9.18 10.43 -2.96
C PHE A 315 -9.63 11.23 -4.18
N ASP A 316 -10.31 10.57 -5.12
CA ASP A 316 -10.77 11.28 -6.31
C ASP A 316 -12.09 12.02 -6.08
N GLU A 317 -12.62 12.62 -7.14
CA GLU A 317 -13.86 13.38 -7.06
C GLU A 317 -15.07 12.54 -6.64
N GLN A 318 -14.96 11.22 -6.76
CA GLN A 318 -16.04 10.34 -6.35
C GLN A 318 -15.75 9.76 -4.96
N HIS A 319 -14.75 10.33 -4.29
CA HIS A 319 -14.35 9.89 -2.94
C HIS A 319 -13.76 8.48 -2.89
N LYS A 320 -13.25 8.01 -4.03
CA LYS A 320 -12.64 6.69 -4.10
C LYS A 320 -11.13 6.82 -3.95
N PRO A 321 -10.48 5.86 -3.29
CA PRO A 321 -9.02 5.95 -3.13
C PRO A 321 -8.29 5.95 -4.47
N LYS A 322 -7.29 6.82 -4.59
CA LYS A 322 -6.49 6.91 -5.80
C LYS A 322 -5.24 6.06 -5.59
N PRO A 323 -4.46 5.82 -6.67
CA PRO A 323 -3.25 5.01 -6.52
C PRO A 323 -2.37 5.58 -5.39
N ALA A 324 -2.36 6.90 -5.26
CA ALA A 324 -1.59 7.57 -4.21
C ALA A 324 -2.00 7.09 -2.82
N PHE A 325 -3.29 6.83 -2.63
CA PHE A 325 -3.78 6.35 -1.33
C PHE A 325 -3.09 5.04 -0.94
N TRP A 326 -3.07 4.10 -1.86
CA TRP A 326 -2.48 2.80 -1.60
C TRP A 326 -0.99 2.83 -1.29
N ARG A 327 -0.25 3.69 -1.96
CA ARG A 327 1.17 3.75 -1.65
C ARG A 327 1.37 4.45 -0.31
N ALA A 328 0.60 5.52 -0.06
CA ALA A 328 0.71 6.26 1.20
C ALA A 328 0.48 5.39 2.44
N VAL A 329 -0.56 4.56 2.44
CA VAL A 329 -0.85 3.73 3.61
C VAL A 329 -0.04 2.45 3.71
N SER A 330 0.78 2.16 2.71
CA SER A 330 1.56 0.93 2.74
C SER A 330 3.03 1.10 3.12
N VAL A 331 3.40 2.30 3.56
CA VAL A 331 4.78 2.58 3.95
C VAL A 331 5.11 1.93 5.28
N SER B 4 11.97 2.95 -9.23
CA SER B 4 11.36 1.59 -9.34
C SER B 4 10.56 1.23 -8.09
N LEU B 5 9.81 0.14 -8.17
CA LEU B 5 8.98 -0.32 -7.05
C LEU B 5 9.77 -1.26 -6.15
N PRO B 6 9.25 -1.56 -4.96
CA PRO B 6 9.95 -2.47 -4.06
C PRO B 6 9.92 -3.84 -4.76
N SER B 7 11.02 -4.59 -4.69
CA SER B 7 11.09 -5.91 -5.32
C SER B 7 10.53 -6.98 -4.38
N LEU B 8 9.51 -7.69 -4.84
CA LEU B 8 8.87 -8.73 -4.03
C LEU B 8 9.86 -9.68 -3.36
N ARG B 9 10.80 -10.22 -4.12
CA ARG B 9 11.77 -11.16 -3.55
C ARG B 9 12.61 -10.49 -2.46
N ASP B 10 12.87 -9.18 -2.60
CA ASP B 10 13.65 -8.47 -1.60
C ASP B 10 12.82 -8.18 -0.35
N VAL B 11 11.56 -7.80 -0.55
CA VAL B 11 10.66 -7.51 0.56
C VAL B 11 10.57 -8.71 1.49
N PHE B 12 10.51 -9.90 0.91
CA PHE B 12 10.38 -11.13 1.69
C PHE B 12 11.68 -11.95 1.70
N ALA B 13 12.80 -11.28 1.46
CA ALA B 13 14.10 -11.93 1.42
C ALA B 13 14.39 -12.79 2.64
N ASN B 14 13.94 -12.37 3.81
CA ASN B 14 14.18 -13.12 5.04
C ASN B 14 13.01 -14.00 5.45
N ASP B 15 12.00 -14.09 4.59
CA ASP B 15 10.82 -14.88 4.90
C ASP B 15 10.65 -16.09 3.98
N PHE B 16 10.70 -15.86 2.68
CA PHE B 16 10.54 -16.95 1.72
C PHE B 16 10.76 -16.46 0.30
N ARG B 17 11.04 -17.41 -0.60
CA ARG B 17 11.24 -17.07 -2.00
C ARG B 17 9.89 -16.64 -2.55
N ILE B 18 9.93 -15.87 -3.63
CA ILE B 18 8.70 -15.42 -4.29
C ILE B 18 8.78 -15.97 -5.71
N GLY B 19 7.80 -16.79 -6.09
CA GLY B 19 7.83 -17.38 -7.41
C GLY B 19 6.66 -17.08 -8.31
N ALA B 20 6.78 -17.51 -9.56
CA ALA B 20 5.74 -17.31 -10.56
C ALA B 20 5.68 -18.50 -11.49
N ALA B 21 4.47 -18.94 -11.83
CA ALA B 21 4.32 -20.03 -12.77
C ALA B 21 4.44 -19.34 -14.13
N VAL B 22 5.13 -19.97 -15.07
CA VAL B 22 5.31 -19.36 -16.40
C VAL B 22 5.28 -20.39 -17.52
N ASN B 23 5.25 -19.88 -18.75
CA ASN B 23 5.28 -20.73 -19.94
C ASN B 23 6.14 -19.95 -20.95
N PRO B 24 6.50 -20.57 -22.09
CA PRO B 24 7.33 -19.87 -23.08
C PRO B 24 6.82 -18.48 -23.45
N VAL B 25 5.51 -18.37 -23.61
CA VAL B 25 4.88 -17.10 -23.98
C VAL B 25 4.98 -16.02 -22.89
N THR B 26 4.59 -16.38 -21.66
CA THR B 26 4.62 -15.40 -20.58
C THR B 26 6.03 -14.96 -20.14
N ILE B 27 7.03 -15.80 -20.37
CA ILE B 27 8.39 -15.42 -20.01
C ILE B 27 8.79 -14.21 -20.87
N GLU B 28 8.29 -14.17 -22.10
CA GLU B 28 8.59 -13.07 -23.01
C GLU B 28 7.66 -11.89 -22.72
N MET B 29 6.38 -12.19 -22.59
CA MET B 29 5.35 -11.17 -22.34
C MET B 29 5.46 -10.47 -20.99
N GLN B 30 5.97 -11.19 -19.98
CA GLN B 30 6.10 -10.62 -18.63
C GLN B 30 7.54 -10.67 -18.14
N LYS B 31 8.48 -10.74 -19.08
CA LYS B 31 9.89 -10.83 -18.74
C LYS B 31 10.41 -9.85 -17.69
N GLN B 32 10.17 -8.56 -17.88
CA GLN B 32 10.66 -7.57 -16.95
C GLN B 32 10.09 -7.72 -15.54
N LEU B 33 8.78 -7.96 -15.43
CA LEU B 33 8.15 -8.15 -14.13
C LEU B 33 8.82 -9.30 -13.38
N LEU B 34 9.05 -10.40 -14.09
CA LEU B 34 9.67 -11.58 -13.50
C LEU B 34 11.07 -11.25 -13.01
N ILE B 35 11.86 -10.63 -13.87
CA ILE B 35 13.23 -10.25 -13.53
C ILE B 35 13.26 -9.33 -12.31
N ASP B 36 12.35 -8.36 -12.27
CA ASP B 36 12.31 -7.41 -11.16
C ASP B 36 11.79 -7.95 -9.83
N HIS B 37 10.92 -8.95 -9.86
CA HIS B 37 10.31 -9.46 -8.63
C HIS B 37 10.50 -10.88 -8.11
N VAL B 38 10.68 -11.86 -8.98
CA VAL B 38 10.78 -13.23 -8.48
C VAL B 38 12.18 -13.85 -8.37
N ASN B 39 12.31 -14.85 -7.51
CA ASN B 39 13.57 -15.59 -7.38
C ASN B 39 13.26 -17.08 -7.44
N SER B 40 12.14 -17.39 -8.08
CA SER B 40 11.71 -18.78 -8.28
C SER B 40 10.68 -18.82 -9.40
N ILE B 41 10.71 -19.89 -10.18
CA ILE B 41 9.74 -20.04 -11.26
C ILE B 41 9.32 -21.50 -11.36
N THR B 42 8.10 -21.70 -11.86
CA THR B 42 7.55 -23.03 -12.03
C THR B 42 6.98 -23.06 -13.44
N ALA B 43 7.10 -24.20 -14.11
CA ALA B 43 6.55 -24.33 -15.45
C ALA B 43 5.06 -24.60 -15.24
N GLU B 44 4.22 -23.73 -15.79
CA GLU B 44 2.78 -23.89 -15.65
C GLU B 44 2.30 -25.20 -16.27
N ASN B 45 2.92 -25.61 -17.37
CA ASN B 45 2.51 -26.84 -18.04
C ASN B 45 3.61 -27.68 -18.66
N HIS B 46 4.68 -27.03 -19.09
CA HIS B 46 5.72 -27.73 -19.82
C HIS B 46 6.64 -28.74 -19.15
N MET B 47 6.37 -29.05 -17.88
CA MET B 47 7.15 -30.07 -17.21
C MET B 47 6.21 -31.20 -16.77
N LYS B 48 4.98 -31.16 -17.28
CA LYS B 48 4.00 -32.20 -16.98
C LYS B 48 4.29 -33.35 -17.93
N PHE B 49 3.83 -34.54 -17.58
CA PHE B 49 4.10 -35.74 -18.38
C PHE B 49 3.83 -35.61 -19.88
N GLU B 50 2.64 -35.14 -20.26
CA GLU B 50 2.29 -35.01 -21.68
C GLU B 50 3.18 -34.04 -22.46
N HIS B 51 3.81 -33.10 -21.76
CA HIS B 51 4.69 -32.14 -22.43
C HIS B 51 6.16 -32.52 -22.40
N LEU B 52 6.47 -33.62 -21.71
CA LEU B 52 7.85 -34.09 -21.61
C LEU B 52 8.05 -35.41 -22.37
N GLN B 53 7.08 -36.31 -22.28
CA GLN B 53 7.17 -37.59 -22.99
C GLN B 53 5.81 -37.92 -23.62
N PRO B 54 5.43 -37.16 -24.66
CA PRO B 54 4.15 -37.33 -25.39
C PRO B 54 3.93 -38.73 -25.93
N GLU B 55 5.03 -39.39 -26.30
CA GLU B 55 5.00 -40.76 -26.81
C GLU B 55 6.15 -41.48 -26.10
N GLU B 56 6.00 -42.77 -25.83
CA GLU B 56 7.05 -43.50 -25.13
C GLU B 56 8.38 -43.43 -25.89
N GLY B 57 9.43 -42.99 -25.19
CA GLY B 57 10.74 -42.89 -25.81
C GLY B 57 10.96 -41.59 -26.54
N LYS B 58 9.90 -40.78 -26.67
CA LYS B 58 10.02 -39.49 -27.33
C LYS B 58 9.96 -38.38 -26.27
N PHE B 59 11.11 -37.80 -25.95
CA PHE B 59 11.13 -36.72 -24.97
C PHE B 59 11.24 -35.36 -25.64
N THR B 60 10.39 -34.43 -25.20
CA THR B 60 10.38 -33.09 -25.76
C THR B 60 10.69 -32.07 -24.67
N PHE B 61 11.98 -31.89 -24.39
CA PHE B 61 12.46 -30.99 -23.34
C PHE B 61 12.64 -29.54 -23.79
N GLN B 62 12.38 -29.23 -25.05
CA GLN B 62 12.62 -27.86 -25.54
C GLN B 62 12.02 -26.73 -24.71
N GLU B 63 10.71 -26.76 -24.49
CA GLU B 63 10.07 -25.71 -23.72
C GLU B 63 10.56 -25.69 -22.28
N ALA B 64 10.64 -26.86 -21.66
CA ALA B 64 11.13 -26.95 -20.28
C ALA B 64 12.57 -26.40 -20.18
N ASP B 65 13.41 -26.75 -21.16
CA ASP B 65 14.79 -26.27 -21.18
C ASP B 65 14.84 -24.74 -21.20
N ARG B 66 14.00 -24.15 -22.05
CA ARG B 66 13.94 -22.70 -22.17
C ARG B 66 13.53 -22.02 -20.87
N ILE B 67 12.61 -22.65 -20.15
CA ILE B 67 12.14 -22.12 -18.87
C ILE B 67 13.27 -22.17 -17.86
N VAL B 68 13.96 -23.31 -17.81
CA VAL B 68 15.08 -23.48 -16.89
C VAL B 68 16.24 -22.55 -17.28
N ASP B 69 16.48 -22.38 -18.57
CA ASP B 69 17.56 -21.50 -19.02
C ASP B 69 17.29 -20.07 -18.53
N PHE B 70 16.04 -19.64 -18.65
CA PHE B 70 15.64 -18.31 -18.21
C PHE B 70 15.90 -18.14 -16.72
N ALA B 71 15.40 -19.08 -15.92
CA ALA B 71 15.57 -19.04 -14.47
C ALA B 71 17.05 -18.98 -14.09
N CYS B 72 17.82 -19.92 -14.61
CA CYS B 72 19.25 -19.99 -14.31
C CYS B 72 19.95 -18.69 -14.68
N SER B 73 19.57 -18.10 -15.82
CA SER B 73 20.18 -16.87 -16.28
C SER B 73 19.88 -15.66 -15.40
N HIS B 74 18.85 -15.78 -14.56
CA HIS B 74 18.46 -14.67 -13.68
C HIS B 74 18.49 -15.01 -12.19
N ARG B 75 19.31 -15.98 -11.82
CA ARG B 75 19.46 -16.38 -10.42
C ARG B 75 18.12 -16.76 -9.79
N MET B 76 17.29 -17.45 -10.53
CA MET B 76 15.99 -17.88 -10.02
C MET B 76 15.98 -19.38 -9.79
N ALA B 77 15.44 -19.80 -8.65
CA ALA B 77 15.34 -21.23 -8.37
C ALA B 77 14.19 -21.75 -9.24
N VAL B 78 14.07 -23.06 -9.33
CA VAL B 78 13.00 -23.67 -10.12
C VAL B 78 12.35 -24.82 -9.37
N ARG B 79 11.02 -24.82 -9.35
CA ARG B 79 10.28 -25.91 -8.73
C ARG B 79 9.82 -26.78 -9.91
N GLY B 80 10.03 -28.09 -9.82
CA GLY B 80 9.60 -28.99 -10.87
C GLY B 80 8.15 -29.39 -10.66
N HIS B 81 7.31 -29.19 -11.68
CA HIS B 81 5.88 -29.51 -11.61
C HIS B 81 5.46 -30.14 -12.95
N THR B 82 5.04 -31.40 -12.97
CA THR B 82 4.91 -32.32 -11.83
C THR B 82 5.11 -33.71 -12.42
N LEU B 83 5.57 -34.68 -11.62
CA LEU B 83 5.86 -36.02 -12.14
C LEU B 83 4.71 -36.99 -12.34
N VAL B 84 3.98 -37.28 -11.26
CA VAL B 84 2.85 -38.22 -11.33
C VAL B 84 1.55 -37.53 -10.93
N TRP B 85 0.64 -37.41 -11.91
CA TRP B 85 -0.64 -36.73 -11.71
C TRP B 85 -1.69 -37.39 -12.60
N HIS B 86 -2.93 -37.48 -12.14
CA HIS B 86 -3.97 -38.09 -12.96
C HIS B 86 -4.24 -37.28 -14.23
N ASN B 87 -4.02 -35.97 -14.19
CA ASN B 87 -4.23 -35.15 -15.38
C ASN B 87 -2.99 -35.00 -16.24
N GLN B 88 -3.22 -34.59 -17.48
CA GLN B 88 -2.16 -34.33 -18.44
C GLN B 88 -1.08 -35.41 -18.56
N THR B 89 -1.54 -36.66 -18.58
CA THR B 89 -0.65 -37.82 -18.74
C THR B 89 -1.18 -38.54 -19.99
N PRO B 90 -0.32 -38.77 -20.99
CA PRO B 90 -0.76 -39.45 -22.22
C PRO B 90 -1.35 -40.84 -21.98
N ASP B 91 -2.30 -41.23 -22.82
CA ASP B 91 -2.93 -42.54 -22.69
C ASP B 91 -1.94 -43.70 -22.86
N TRP B 92 -0.88 -43.50 -23.66
CA TRP B 92 0.06 -44.60 -23.90
C TRP B 92 0.65 -45.18 -22.62
N VAL B 93 0.86 -44.31 -21.64
CA VAL B 93 1.46 -44.69 -20.37
C VAL B 93 0.80 -45.89 -19.70
N PHE B 94 -0.53 -45.98 -19.81
CA PHE B 94 -1.27 -47.05 -19.16
C PHE B 94 -1.67 -48.22 -20.06
N GLN B 95 -1.38 -48.11 -21.35
CA GLN B 95 -1.76 -49.16 -22.30
C GLN B 95 -0.62 -50.02 -22.82
N ASP B 96 -0.99 -51.19 -23.33
CA ASP B 96 -0.04 -52.12 -23.92
C ASP B 96 -0.24 -52.03 -25.43
N GLY B 97 0.25 -53.01 -26.17
CA GLY B 97 0.09 -52.98 -27.62
C GLY B 97 -1.37 -53.07 -28.05
N GLN B 98 -2.13 -53.93 -27.38
CA GLN B 98 -3.54 -54.13 -27.70
C GLN B 98 -4.46 -53.11 -27.05
N GLY B 99 -3.88 -52.03 -26.54
CA GLY B 99 -4.69 -50.99 -25.92
C GLY B 99 -5.20 -51.33 -24.53
N HIS B 100 -4.93 -52.56 -24.07
CA HIS B 100 -5.36 -53.00 -22.75
C HIS B 100 -4.46 -52.37 -21.69
N PHE B 101 -4.96 -52.29 -20.45
CA PHE B 101 -4.16 -51.72 -19.36
C PHE B 101 -2.96 -52.59 -19.04
N VAL B 102 -1.81 -51.95 -18.84
CA VAL B 102 -0.59 -52.68 -18.53
C VAL B 102 -0.63 -53.18 -17.08
N SER B 103 0.33 -54.03 -16.74
CA SER B 103 0.44 -54.59 -15.41
C SER B 103 1.09 -53.59 -14.46
N ARG B 104 1.05 -53.91 -13.17
CA ARG B 104 1.66 -53.09 -12.13
C ARG B 104 3.15 -52.89 -12.43
N ASP B 105 3.85 -53.99 -12.68
CA ASP B 105 5.29 -53.92 -12.95
C ASP B 105 5.66 -53.07 -14.17
N VAL B 106 4.91 -53.20 -15.26
CA VAL B 106 5.19 -52.43 -16.45
C VAL B 106 4.97 -50.93 -16.20
N LEU B 107 3.89 -50.60 -15.49
CA LEU B 107 3.63 -49.19 -15.22
C LEU B 107 4.70 -48.63 -14.29
N LEU B 108 5.18 -49.45 -13.35
CA LEU B 108 6.23 -48.98 -12.44
C LEU B 108 7.52 -48.74 -13.23
N GLU B 109 7.77 -49.58 -14.23
CA GLU B 109 8.95 -49.43 -15.07
C GLU B 109 8.86 -48.11 -15.83
N ARG B 110 7.70 -47.84 -16.42
CA ARG B 110 7.50 -46.61 -17.17
C ARG B 110 7.59 -45.40 -16.24
N MET B 111 7.02 -45.51 -15.05
CA MET B 111 7.07 -44.42 -14.09
C MET B 111 8.52 -44.12 -13.72
N LYS B 112 9.27 -45.17 -13.41
CA LYS B 112 10.67 -45.01 -13.03
C LYS B 112 11.48 -44.40 -14.17
N CYS B 113 11.28 -44.89 -15.39
CA CYS B 113 12.02 -44.38 -16.54
C CYS B 113 11.75 -42.90 -16.78
N HIS B 114 10.47 -42.51 -16.71
CA HIS B 114 10.10 -41.11 -16.91
C HIS B 114 10.72 -40.24 -15.83
N ILE B 115 10.50 -40.62 -14.58
CA ILE B 115 11.02 -39.84 -13.46
C ILE B 115 12.55 -39.73 -13.53
N SER B 116 13.22 -40.85 -13.75
N SER B 116 13.22 -40.85 -13.76
CA SER B 116 14.67 -40.87 -13.83
CA SER B 116 14.67 -40.87 -13.83
C SER B 116 15.19 -39.96 -14.94
C SER B 116 15.19 -39.95 -14.94
N THR B 117 14.63 -40.10 -16.14
CA THR B 117 15.06 -39.28 -17.27
C THR B 117 14.84 -37.78 -17.05
N VAL B 118 13.64 -37.43 -16.59
CA VAL B 118 13.30 -36.04 -16.36
C VAL B 118 14.08 -35.41 -15.22
N VAL B 119 14.06 -36.05 -14.06
CA VAL B 119 14.77 -35.51 -12.91
C VAL B 119 16.28 -35.40 -13.13
N ARG B 120 16.89 -36.43 -13.70
CA ARG B 120 18.32 -36.38 -13.93
C ARG B 120 18.73 -35.27 -14.90
N ARG B 121 17.87 -34.95 -15.87
CA ARG B 121 18.23 -33.90 -16.82
C ARG B 121 18.37 -32.53 -16.14
N TYR B 122 17.54 -32.27 -15.14
CA TYR B 122 17.58 -30.98 -14.46
C TYR B 122 18.24 -30.98 -13.08
N LYS B 123 18.87 -32.11 -12.74
CA LYS B 123 19.56 -32.22 -11.45
C LYS B 123 20.56 -31.07 -11.34
N GLY B 124 20.59 -30.41 -10.18
CA GLY B 124 21.50 -29.30 -10.00
C GLY B 124 20.95 -27.95 -10.45
N LYS B 125 19.79 -27.96 -11.10
CA LYS B 125 19.16 -26.73 -11.56
C LYS B 125 17.77 -26.58 -10.95
N ILE B 126 17.08 -27.70 -10.74
CA ILE B 126 15.76 -27.70 -10.14
C ILE B 126 15.94 -28.25 -8.72
N TYR B 127 15.60 -27.45 -7.71
CA TYR B 127 15.83 -27.90 -6.34
C TYR B 127 14.73 -28.69 -5.65
N CYS B 128 13.54 -28.69 -6.23
CA CYS B 128 12.43 -29.46 -5.66
C CYS B 128 11.47 -29.91 -6.74
N TRP B 129 10.75 -31.00 -6.45
CA TRP B 129 9.78 -31.54 -7.39
C TRP B 129 8.45 -31.87 -6.75
N ASP B 130 7.36 -31.55 -7.44
CA ASP B 130 6.04 -31.92 -6.97
C ASP B 130 5.97 -33.34 -7.54
N VAL B 131 6.29 -34.34 -6.72
CA VAL B 131 6.30 -35.74 -7.17
C VAL B 131 4.91 -36.28 -7.42
N ILE B 132 4.04 -36.15 -6.40
CA ILE B 132 2.66 -36.59 -6.50
C ILE B 132 1.80 -35.35 -6.44
N ASN B 133 0.86 -35.24 -7.37
CA ASN B 133 -0.01 -34.08 -7.44
C ASN B 133 -1.49 -34.48 -7.33
N GLU B 134 -2.19 -33.78 -6.44
CA GLU B 134 -3.63 -33.96 -6.25
C GLU B 134 -4.17 -35.38 -6.18
N ALA B 135 -3.60 -36.20 -5.31
CA ALA B 135 -4.03 -37.59 -5.17
C ALA B 135 -5.20 -37.77 -4.21
N VAL B 136 -5.43 -36.79 -3.33
CA VAL B 136 -6.53 -36.87 -2.35
C VAL B 136 -7.88 -36.57 -2.98
N ALA B 137 -8.91 -37.28 -2.53
CA ALA B 137 -10.27 -37.12 -3.03
C ALA B 137 -10.89 -35.77 -2.69
N ASP B 138 -11.80 -35.32 -3.57
CA ASP B 138 -12.48 -34.04 -3.40
C ASP B 138 -13.57 -34.09 -2.33
N GLU B 139 -14.33 -35.19 -2.30
CA GLU B 139 -15.41 -35.35 -1.33
C GLU B 139 -15.42 -36.79 -0.80
N GLY B 140 -16.36 -37.07 0.10
CA GLY B 140 -16.49 -38.42 0.64
C GLY B 140 -15.54 -38.79 1.76
N ASP B 141 -15.60 -40.06 2.17
CA ASP B 141 -14.76 -40.54 3.24
C ASP B 141 -13.49 -41.22 2.74
N GLU B 142 -13.47 -41.61 1.47
CA GLU B 142 -12.30 -42.24 0.87
C GLU B 142 -11.15 -41.25 0.87
N LEU B 143 -9.96 -41.73 1.22
CA LEU B 143 -8.78 -40.88 1.26
C LEU B 143 -8.30 -40.44 -0.11
N LEU B 144 -8.12 -41.41 -1.00
CA LEU B 144 -7.63 -41.15 -2.35
C LEU B 144 -8.69 -41.13 -3.43
N ARG B 145 -8.44 -40.34 -4.46
CA ARG B 145 -9.36 -40.30 -5.59
C ARG B 145 -8.91 -41.46 -6.46
N PRO B 146 -9.79 -41.95 -7.34
CA PRO B 146 -9.33 -43.07 -8.17
C PRO B 146 -8.54 -42.51 -9.35
N SER B 147 -7.64 -43.31 -9.91
CA SER B 147 -6.84 -42.88 -11.05
C SER B 147 -6.23 -44.11 -11.68
N LYS B 148 -5.79 -43.99 -12.92
CA LYS B 148 -5.17 -45.12 -13.60
C LYS B 148 -3.87 -45.53 -12.90
N TRP B 149 -3.14 -44.56 -12.38
CA TRP B 149 -1.90 -44.84 -11.67
C TRP B 149 -2.19 -45.77 -10.49
N ARG B 150 -3.17 -45.36 -9.69
CA ARG B 150 -3.57 -46.11 -8.50
C ARG B 150 -4.20 -47.46 -8.83
N GLN B 151 -5.08 -47.46 -9.82
CA GLN B 151 -5.77 -48.67 -10.25
C GLN B 151 -4.84 -49.79 -10.72
N ILE B 152 -3.85 -49.41 -11.51
CA ILE B 152 -2.90 -50.38 -12.06
C ILE B 152 -1.79 -50.81 -11.10
N ILE B 153 -1.21 -49.84 -10.40
CA ILE B 153 -0.14 -50.12 -9.46
C ILE B 153 -0.61 -50.58 -8.09
N GLY B 154 -1.56 -49.85 -7.52
CA GLY B 154 -2.07 -50.16 -6.20
C GLY B 154 -1.91 -48.89 -5.39
N ASP B 155 -2.33 -48.90 -4.12
CA ASP B 155 -2.23 -47.69 -3.30
C ASP B 155 -0.81 -47.26 -2.94
N ASP B 156 0.17 -48.10 -3.24
CA ASP B 156 1.56 -47.75 -2.93
C ASP B 156 2.23 -47.05 -4.11
N PHE B 157 1.43 -46.64 -5.11
CA PHE B 157 2.00 -45.98 -6.26
C PHE B 157 2.73 -44.69 -5.87
N MET B 158 2.25 -44.04 -4.82
CA MET B 158 2.88 -42.80 -4.36
C MET B 158 4.24 -43.07 -3.73
N GLU B 159 4.32 -44.11 -2.90
CA GLU B 159 5.58 -44.47 -2.26
C GLU B 159 6.63 -44.72 -3.33
N GLN B 160 6.23 -45.44 -4.37
CA GLN B 160 7.12 -45.76 -5.47
C GLN B 160 7.59 -44.51 -6.20
N ALA B 161 6.67 -43.60 -6.48
CA ALA B 161 7.03 -42.37 -7.18
C ALA B 161 8.07 -41.59 -6.38
N PHE B 162 7.87 -41.42 -5.07
CA PHE B 162 8.82 -40.70 -4.25
C PHE B 162 10.19 -41.39 -4.20
N LEU B 163 10.18 -42.72 -4.15
CA LEU B 163 11.44 -43.46 -4.11
C LEU B 163 12.19 -43.31 -5.43
N TYR B 164 11.47 -43.35 -6.55
CA TYR B 164 12.09 -43.20 -7.87
C TYR B 164 12.66 -41.80 -8.01
N ALA B 165 11.93 -40.80 -7.53
CA ALA B 165 12.37 -39.41 -7.61
C ALA B 165 13.61 -39.23 -6.73
N TYR B 166 13.56 -39.78 -5.53
CA TYR B 166 14.67 -39.70 -4.59
C TYR B 166 15.92 -40.32 -5.19
N GLU B 167 15.77 -41.49 -5.81
CA GLU B 167 16.91 -42.16 -6.43
C GLU B 167 17.50 -41.31 -7.55
N ALA B 168 16.65 -40.64 -8.32
CA ALA B 168 17.10 -39.80 -9.42
C ALA B 168 17.87 -38.58 -8.92
N ASP B 169 17.49 -38.07 -7.75
CA ASP B 169 18.18 -36.92 -7.16
C ASP B 169 17.99 -36.86 -5.65
N PRO B 170 18.91 -37.50 -4.90
CA PRO B 170 18.87 -37.55 -3.44
C PRO B 170 18.98 -36.18 -2.75
N ASP B 171 19.28 -35.15 -3.52
CA ASP B 171 19.40 -33.82 -2.96
C ASP B 171 18.21 -32.89 -3.22
N ALA B 172 17.23 -33.39 -3.95
CA ALA B 172 16.05 -32.57 -4.25
C ALA B 172 15.01 -32.68 -3.13
N LEU B 173 14.24 -31.62 -2.95
CA LEU B 173 13.18 -31.64 -1.96
C LEU B 173 11.96 -32.21 -2.70
N LEU B 174 11.40 -33.30 -2.18
CA LEU B 174 10.26 -33.95 -2.83
C LEU B 174 8.95 -33.57 -2.14
N PHE B 175 8.01 -33.06 -2.94
CA PHE B 175 6.72 -32.59 -2.42
C PHE B 175 5.47 -33.35 -2.83
N TYR B 176 4.48 -33.28 -1.95
CA TYR B 176 3.16 -33.82 -2.23
C TYR B 176 2.42 -32.47 -2.39
N ASN B 177 1.82 -32.25 -3.55
CA ASN B 177 1.15 -30.97 -3.85
C ASN B 177 -0.35 -31.15 -4.03
N ASP B 178 -1.16 -30.23 -3.49
CA ASP B 178 -2.62 -30.35 -3.62
C ASP B 178 -3.35 -29.01 -3.44
N TYR B 179 -4.62 -28.97 -3.85
CA TYR B 179 -5.45 -27.77 -3.73
C TYR B 179 -6.58 -27.99 -2.70
N ASN B 180 -7.27 -26.91 -2.37
CA ASN B 180 -8.34 -26.93 -1.37
C ASN B 180 -7.74 -27.53 -0.10
N GLU B 181 -6.45 -27.26 0.09
CA GLU B 181 -5.67 -27.78 1.21
C GLU B 181 -6.01 -27.22 2.58
N CYS B 182 -6.86 -26.19 2.63
CA CYS B 182 -7.22 -25.60 3.91
C CYS B 182 -8.62 -25.95 4.38
N PHE B 183 -9.39 -26.63 3.54
CA PHE B 183 -10.73 -27.03 3.95
C PHE B 183 -10.51 -28.22 4.90
N PRO B 184 -10.98 -28.08 6.16
CA PRO B 184 -10.86 -29.09 7.21
C PRO B 184 -10.84 -30.57 6.81
N GLU B 185 -11.90 -31.04 6.16
CA GLU B 185 -11.96 -32.45 5.77
C GLU B 185 -10.82 -32.88 4.85
N LYS B 186 -10.52 -32.08 3.83
CA LYS B 186 -9.44 -32.45 2.92
C LYS B 186 -8.09 -32.26 3.60
N ARG B 187 -7.99 -31.24 4.46
CA ARG B 187 -6.75 -30.98 5.17
C ARG B 187 -6.35 -32.21 5.99
N GLU B 188 -7.33 -32.81 6.67
CA GLU B 188 -7.05 -33.99 7.47
C GLU B 188 -6.66 -35.19 6.62
N LYS B 189 -7.20 -35.27 5.41
CA LYS B 189 -6.85 -36.37 4.53
C LYS B 189 -5.40 -36.22 4.06
N ILE B 190 -5.04 -35.00 3.68
CA ILE B 190 -3.69 -34.71 3.20
C ILE B 190 -2.70 -34.96 4.34
N PHE B 191 -3.08 -34.56 5.55
CA PHE B 191 -2.23 -34.75 6.73
C PHE B 191 -1.99 -36.24 6.96
N ALA B 192 -3.07 -37.01 6.96
CA ALA B 192 -2.99 -38.45 7.19
C ALA B 192 -2.14 -39.13 6.12
N LEU B 193 -2.32 -38.74 4.86
N LEU B 193 -2.32 -38.74 4.86
CA LEU B 193 -1.57 -39.31 3.75
CA LEU B 193 -1.57 -39.32 3.76
C LEU B 193 -0.08 -39.09 3.94
C LEU B 193 -0.08 -39.09 3.93
N VAL B 194 0.32 -37.82 4.06
CA VAL B 194 1.73 -37.48 4.23
C VAL B 194 2.33 -38.09 5.49
N LYS B 195 1.58 -38.08 6.59
CA LYS B 195 2.08 -38.65 7.84
C LYS B 195 2.37 -40.13 7.63
N SER B 196 1.45 -40.81 6.95
CA SER B 196 1.59 -42.23 6.67
C SER B 196 2.87 -42.53 5.88
N LEU B 197 3.11 -41.76 4.83
CA LEU B 197 4.30 -41.94 4.01
C LEU B 197 5.55 -41.62 4.83
N ARG B 198 5.46 -40.56 5.63
CA ARG B 198 6.59 -40.15 6.47
C ARG B 198 6.92 -41.27 7.46
N ASP B 199 5.90 -41.84 8.10
CA ASP B 199 6.11 -42.91 9.07
C ASP B 199 6.68 -44.17 8.45
N LYS B 200 6.49 -44.35 7.14
CA LYS B 200 7.01 -45.53 6.47
C LYS B 200 8.45 -45.29 6.04
N GLY B 201 8.94 -44.08 6.25
CA GLY B 201 10.31 -43.76 5.88
C GLY B 201 10.44 -43.33 4.42
N ILE B 202 9.32 -43.00 3.79
CA ILE B 202 9.35 -42.57 2.40
C ILE B 202 9.98 -41.17 2.30
N PRO B 203 10.82 -40.95 1.28
CA PRO B 203 11.47 -39.64 1.12
C PRO B 203 10.57 -38.52 0.58
N ILE B 204 9.64 -38.07 1.43
CA ILE B 204 8.74 -36.98 1.08
C ILE B 204 9.18 -35.89 2.06
N HIS B 205 9.62 -34.75 1.54
CA HIS B 205 10.13 -33.69 2.39
C HIS B 205 9.24 -32.47 2.55
N GLY B 206 8.26 -32.31 1.66
CA GLY B 206 7.42 -31.15 1.77
C GLY B 206 5.99 -31.30 1.28
N ILE B 207 5.16 -30.36 1.71
CA ILE B 207 3.77 -30.32 1.32
C ILE B 207 3.61 -29.03 0.54
N GLY B 208 2.97 -29.14 -0.62
CA GLY B 208 2.76 -27.96 -1.44
C GLY B 208 1.31 -27.56 -1.35
N MET B 209 1.08 -26.33 -0.86
CA MET B 209 -0.26 -25.77 -0.73
C MET B 209 -0.51 -24.88 -1.95
N GLN B 210 -1.36 -25.34 -2.85
CA GLN B 210 -1.63 -24.56 -4.06
C GLN B 210 -2.16 -23.17 -3.79
N ALA B 211 -3.06 -23.07 -2.82
CA ALA B 211 -3.64 -21.79 -2.44
C ALA B 211 -4.43 -21.08 -3.51
N HIS B 212 -5.32 -21.82 -4.19
CA HIS B 212 -6.19 -21.20 -5.18
C HIS B 212 -7.38 -20.78 -4.32
N TRP B 213 -7.29 -19.55 -3.80
CA TRP B 213 -8.30 -19.04 -2.90
C TRP B 213 -9.22 -17.98 -3.48
N SER B 214 -10.27 -17.64 -2.72
CA SER B 214 -11.22 -16.62 -3.13
C SER B 214 -11.04 -15.46 -2.15
N LEU B 215 -11.91 -14.46 -2.25
CA LEU B 215 -11.83 -13.30 -1.35
C LEU B 215 -12.21 -13.66 0.08
N THR B 216 -12.95 -14.75 0.26
CA THR B 216 -13.41 -15.14 1.60
C THR B 216 -13.08 -16.56 2.08
N ARG B 217 -12.85 -17.48 1.14
CA ARG B 217 -12.55 -18.86 1.51
C ARG B 217 -11.23 -19.34 0.94
N PRO B 218 -10.45 -20.08 1.75
CA PRO B 218 -10.74 -20.44 3.15
C PRO B 218 -10.56 -19.22 4.03
N SER B 219 -11.00 -19.32 5.28
CA SER B 219 -10.86 -18.21 6.21
C SER B 219 -9.43 -18.17 6.73
N LEU B 220 -9.04 -17.04 7.32
CA LEU B 220 -7.70 -16.91 7.87
C LEU B 220 -7.47 -17.99 8.91
N ASP B 221 -8.49 -18.27 9.72
CA ASP B 221 -8.37 -19.29 10.76
C ASP B 221 -8.11 -20.66 10.15
N GLU B 222 -8.77 -20.96 9.03
CA GLU B 222 -8.59 -22.24 8.36
C GLU B 222 -7.20 -22.34 7.78
N ILE B 223 -6.69 -21.23 7.24
CA ILE B 223 -5.34 -21.23 6.68
C ILE B 223 -4.32 -21.43 7.79
N ARG B 224 -4.50 -20.72 8.90
CA ARG B 224 -3.58 -20.85 10.02
C ARG B 224 -3.59 -22.30 10.50
N ALA B 225 -4.79 -22.85 10.65
CA ALA B 225 -4.94 -24.23 11.10
C ALA B 225 -4.23 -25.22 10.18
N ALA B 226 -4.35 -25.00 8.87
CA ALA B 226 -3.72 -25.89 7.89
C ALA B 226 -2.20 -25.81 8.01
N ILE B 227 -1.66 -24.59 8.04
CA ILE B 227 -0.22 -24.40 8.16
C ILE B 227 0.32 -25.13 9.38
N GLU B 228 -0.31 -24.91 10.53
CA GLU B 228 0.15 -25.56 11.76
C GLU B 228 0.03 -27.07 11.69
N ARG B 229 -1.08 -27.55 11.15
CA ARG B 229 -1.32 -28.98 11.02
C ARG B 229 -0.22 -29.63 10.17
N TYR B 230 -0.03 -29.10 8.96
CA TYR B 230 0.99 -29.63 8.06
C TYR B 230 2.39 -29.46 8.65
N ALA B 231 2.67 -28.29 9.20
CA ALA B 231 3.97 -28.01 9.78
C ALA B 231 4.34 -28.97 10.91
N SER B 232 3.34 -29.47 11.63
CA SER B 232 3.60 -30.39 12.73
C SER B 232 4.24 -31.70 12.27
N LEU B 233 4.13 -31.99 10.97
CA LEU B 233 4.72 -33.20 10.40
C LEU B 233 6.23 -33.05 10.24
N GLY B 234 6.71 -31.83 10.38
CA GLY B 234 8.14 -31.59 10.23
C GLY B 234 8.57 -31.41 8.79
N VAL B 235 7.61 -31.26 7.89
CA VAL B 235 7.92 -31.09 6.48
C VAL B 235 8.08 -29.61 6.13
N VAL B 236 8.68 -29.36 4.97
CA VAL B 236 8.85 -27.99 4.49
C VAL B 236 7.52 -27.63 3.84
N LEU B 237 7.14 -26.35 3.90
CA LEU B 237 5.90 -25.92 3.28
C LEU B 237 6.15 -24.88 2.20
N HIS B 238 5.53 -25.08 1.04
CA HIS B 238 5.63 -24.14 -0.07
C HIS B 238 4.21 -23.80 -0.49
N ILE B 239 3.94 -22.52 -0.71
CA ILE B 239 2.63 -22.09 -1.22
C ILE B 239 2.99 -22.17 -2.70
N THR B 240 2.31 -23.04 -3.45
CA THR B 240 2.70 -23.28 -4.84
C THR B 240 1.97 -22.69 -6.04
N ALA B 241 0.72 -22.27 -5.87
CA ALA B 241 -0.04 -21.74 -7.01
C ALA B 241 -1.02 -20.67 -6.54
N LEU B 242 -0.53 -19.79 -5.68
CA LEU B 242 -1.34 -18.74 -5.12
C LEU B 242 -2.01 -17.76 -6.07
N ASP B 243 -3.30 -17.56 -5.85
CA ASP B 243 -4.08 -16.54 -6.56
C ASP B 243 -5.35 -16.31 -5.74
N VAL B 244 -5.89 -15.11 -5.86
CA VAL B 244 -7.10 -14.74 -5.13
C VAL B 244 -8.15 -14.32 -6.15
N SER B 245 -9.06 -15.25 -6.42
CA SER B 245 -10.13 -15.01 -7.39
C SER B 245 -11.09 -13.91 -6.96
N MET B 246 -11.50 -13.10 -7.93
CA MET B 246 -12.45 -12.03 -7.65
C MET B 246 -13.86 -12.61 -7.53
N PHE B 247 -14.01 -13.88 -7.90
CA PHE B 247 -15.31 -14.55 -7.84
C PHE B 247 -15.25 -15.76 -6.92
N GLU B 248 -16.29 -15.95 -6.11
CA GLU B 248 -16.35 -17.11 -5.23
C GLU B 248 -16.47 -18.27 -6.23
N PHE B 249 -16.00 -19.46 -5.86
CA PHE B 249 -16.02 -20.58 -6.79
C PHE B 249 -17.37 -20.89 -7.45
N HIS B 250 -18.46 -20.77 -6.70
CA HIS B 250 -19.79 -21.05 -7.26
C HIS B 250 -20.33 -19.90 -8.10
N ASP B 251 -19.70 -18.74 -8.02
CA ASP B 251 -20.15 -17.57 -8.78
C ASP B 251 -19.63 -17.64 -10.20
N ARG B 252 -20.50 -18.05 -11.13
N ARG B 252 -20.51 -18.04 -11.12
CA ARG B 252 -20.11 -18.16 -12.53
CA ARG B 252 -20.15 -18.17 -12.54
C ARG B 252 -20.62 -17.00 -13.38
C ARG B 252 -20.64 -16.99 -13.38
N ARG B 253 -20.87 -15.85 -12.74
CA ARG B 253 -21.35 -14.68 -13.47
C ARG B 253 -20.35 -14.25 -14.53
N THR B 254 -20.85 -13.73 -15.65
CA THR B 254 -20.00 -13.32 -16.76
C THR B 254 -20.26 -11.88 -17.22
N ASP B 255 -20.96 -11.10 -16.40
CA ASP B 255 -21.29 -9.73 -16.75
C ASP B 255 -20.28 -8.64 -16.42
N LEU B 256 -19.24 -8.96 -15.66
CA LEU B 256 -18.24 -7.97 -15.28
C LEU B 256 -17.15 -7.76 -16.31
N ALA B 257 -17.04 -6.53 -16.81
CA ALA B 257 -16.02 -6.19 -17.79
C ALA B 257 -14.74 -5.77 -17.06
N ALA B 258 -14.89 -5.43 -15.77
CA ALA B 258 -13.77 -5.01 -14.95
C ALA B 258 -14.15 -5.23 -13.50
N PRO B 259 -13.16 -5.36 -12.61
CA PRO B 259 -13.49 -5.57 -11.19
C PRO B 259 -14.06 -4.30 -10.60
N THR B 260 -14.96 -4.44 -9.63
CA THR B 260 -15.55 -3.28 -8.98
C THR B 260 -14.57 -2.76 -7.93
N SER B 261 -14.73 -1.51 -7.53
N SER B 261 -14.73 -1.51 -7.53
CA SER B 261 -13.86 -0.92 -6.53
CA SER B 261 -13.86 -0.92 -6.53
C SER B 261 -13.89 -1.77 -5.27
C SER B 261 -13.89 -1.77 -5.26
N GLU B 262 -15.06 -2.34 -4.98
CA GLU B 262 -15.23 -3.19 -3.81
C GLU B 262 -14.37 -4.45 -3.92
N MET B 263 -14.36 -5.05 -5.10
CA MET B 263 -13.56 -6.27 -5.34
C MET B 263 -12.08 -5.95 -5.16
N ILE B 264 -11.64 -4.86 -5.77
CA ILE B 264 -10.24 -4.44 -5.68
C ILE B 264 -9.85 -4.21 -4.22
N GLU B 265 -10.70 -3.49 -3.49
CA GLU B 265 -10.44 -3.20 -2.09
C GLU B 265 -10.37 -4.45 -1.21
N ARG B 266 -11.35 -5.33 -1.35
N ARG B 266 -11.35 -5.33 -1.36
CA ARG B 266 -11.38 -6.56 -0.57
CA ARG B 266 -11.40 -6.55 -0.58
C ARG B 266 -10.18 -7.44 -0.90
C ARG B 266 -10.19 -7.44 -0.91
N GLN B 267 -9.82 -7.49 -2.18
CA GLN B 267 -8.68 -8.30 -2.60
C GLN B 267 -7.41 -7.78 -1.96
N ALA B 268 -7.27 -6.44 -1.92
CA ALA B 268 -6.09 -5.83 -1.32
C ALA B 268 -5.99 -6.23 0.15
N GLU B 269 -7.10 -6.13 0.87
N GLU B 269 -7.10 -6.13 0.87
CA GLU B 269 -7.13 -6.50 2.28
CA GLU B 269 -7.13 -6.50 2.28
C GLU B 269 -6.83 -7.99 2.44
C GLU B 269 -6.85 -7.98 2.45
N ARG B 270 -7.43 -8.79 1.57
CA ARG B 270 -7.25 -10.23 1.61
C ARG B 270 -5.77 -10.58 1.42
N TYR B 271 -5.12 -10.01 0.40
CA TYR B 271 -3.71 -10.29 0.16
C TYR B 271 -2.86 -9.78 1.31
N GLY B 272 -3.24 -8.64 1.89
CA GLY B 272 -2.50 -8.12 3.02
C GLY B 272 -2.57 -9.10 4.19
N GLN B 273 -3.76 -9.61 4.46
CA GLN B 273 -3.93 -10.56 5.56
C GLN B 273 -3.17 -11.85 5.28
N ILE B 274 -3.23 -12.31 4.03
CA ILE B 274 -2.54 -13.53 3.64
C ILE B 274 -1.04 -13.45 3.86
N PHE B 275 -0.41 -12.39 3.37
CA PHE B 275 1.02 -12.26 3.55
C PHE B 275 1.44 -11.98 4.98
N ALA B 276 0.58 -11.34 5.75
CA ALA B 276 0.90 -11.08 7.15
C ALA B 276 0.97 -12.46 7.81
N LEU B 277 0.03 -13.33 7.45
CA LEU B 277 -0.02 -14.68 8.01
C LEU B 277 1.20 -15.50 7.56
N PHE B 278 1.55 -15.43 6.28
CA PHE B 278 2.71 -16.17 5.78
C PHE B 278 3.98 -15.70 6.50
N LYS B 279 4.10 -14.39 6.68
CA LYS B 279 5.26 -13.81 7.34
C LYS B 279 5.31 -14.33 8.77
N GLU B 280 4.15 -14.44 9.40
CA GLU B 280 4.07 -14.92 10.77
C GLU B 280 4.64 -16.34 10.85
N TYR B 281 4.38 -17.15 9.83
CA TYR B 281 4.89 -18.51 9.81
C TYR B 281 6.10 -18.72 8.91
N ARG B 282 6.96 -17.70 8.84
CA ARG B 282 8.16 -17.74 8.01
C ARG B 282 9.09 -18.90 8.36
N ASP B 283 9.00 -19.39 9.59
CA ASP B 283 9.84 -20.49 10.02
C ASP B 283 9.51 -21.81 9.34
N VAL B 284 8.27 -21.95 8.86
CA VAL B 284 7.87 -23.20 8.20
C VAL B 284 7.57 -23.04 6.70
N ILE B 285 7.33 -21.80 6.27
CA ILE B 285 7.06 -21.54 4.86
C ILE B 285 8.37 -21.05 4.23
N GLN B 286 8.85 -21.79 3.23
N GLN B 286 8.84 -21.77 3.22
CA GLN B 286 10.10 -21.44 2.57
CA GLN B 286 10.10 -21.37 2.59
C GLN B 286 9.94 -20.84 1.18
C GLN B 286 9.95 -20.82 1.19
N SER B 287 8.74 -20.90 0.62
CA SER B 287 8.50 -20.37 -0.71
C SER B 287 7.04 -20.10 -0.98
N VAL B 288 6.77 -19.00 -1.67
CA VAL B 288 5.42 -18.61 -2.04
C VAL B 288 5.41 -18.29 -3.52
N THR B 289 4.78 -19.18 -4.29
CA THR B 289 4.70 -19.00 -5.73
C THR B 289 3.27 -18.67 -6.15
N PHE B 290 3.10 -17.64 -6.98
CA PHE B 290 1.79 -17.27 -7.50
C PHE B 290 1.61 -18.06 -8.80
N TRP B 291 0.37 -18.42 -9.14
CA TRP B 291 0.17 -19.15 -10.38
C TRP B 291 0.06 -18.11 -11.50
N GLY B 292 1.17 -17.44 -11.74
CA GLY B 292 1.25 -16.39 -12.74
C GLY B 292 1.88 -15.20 -12.03
N ILE B 293 1.75 -14.00 -12.59
CA ILE B 293 2.32 -12.81 -11.94
C ILE B 293 1.51 -11.54 -12.20
N ALA B 294 0.92 -11.41 -13.38
CA ALA B 294 0.12 -10.23 -13.71
C ALA B 294 -1.22 -10.66 -14.33
N ASP B 295 -2.24 -9.85 -14.11
CA ASP B 295 -3.59 -10.14 -14.59
C ASP B 295 -3.76 -10.30 -16.10
N ASP B 296 -2.72 -10.04 -16.88
CA ASP B 296 -2.85 -10.23 -18.33
C ASP B 296 -2.75 -11.71 -18.70
N HIS B 297 -2.38 -12.55 -17.74
CA HIS B 297 -2.31 -13.99 -17.97
C HIS B 297 -2.65 -14.77 -16.72
N THR B 298 -3.79 -15.45 -16.73
CA THR B 298 -4.20 -16.25 -15.58
C THR B 298 -5.14 -17.36 -16.01
N TRP B 299 -4.91 -18.56 -15.49
CA TRP B 299 -5.75 -19.71 -15.82
C TRP B 299 -7.20 -19.45 -15.40
N LEU B 300 -7.40 -18.52 -14.47
CA LEU B 300 -8.75 -18.21 -14.00
C LEU B 300 -9.59 -17.49 -15.04
N ASP B 301 -8.96 -17.09 -16.15
CA ASP B 301 -9.69 -16.44 -17.22
C ASP B 301 -10.51 -17.48 -17.97
N ASN B 302 -10.21 -18.75 -17.74
CA ASN B 302 -10.93 -19.82 -18.41
C ASN B 302 -11.44 -20.93 -17.50
N PHE B 303 -11.23 -20.75 -16.20
CA PHE B 303 -11.72 -21.70 -15.22
C PHE B 303 -12.23 -20.91 -14.02
N PRO B 304 -13.43 -21.24 -13.51
CA PRO B 304 -14.31 -22.29 -14.00
C PRO B 304 -15.19 -21.89 -15.18
N VAL B 305 -15.11 -20.63 -15.59
CA VAL B 305 -15.91 -20.15 -16.71
C VAL B 305 -15.03 -19.76 -17.88
N HIS B 306 -15.21 -20.45 -19.01
CA HIS B 306 -14.42 -20.17 -20.19
C HIS B 306 -14.70 -18.77 -20.72
N GLY B 307 -13.65 -18.04 -21.06
CA GLY B 307 -13.82 -16.71 -21.60
C GLY B 307 -14.24 -15.62 -20.63
N ARG B 308 -14.18 -15.89 -19.33
CA ARG B 308 -14.55 -14.87 -18.35
C ARG B 308 -13.31 -14.30 -17.67
N LYS B 309 -13.09 -13.00 -17.84
CA LYS B 309 -11.92 -12.36 -17.24
C LYS B 309 -11.93 -12.35 -15.71
N ASN B 310 -10.75 -12.56 -15.12
CA ASN B 310 -10.60 -12.51 -13.67
C ASN B 310 -9.37 -11.61 -13.45
N TRP B 311 -9.16 -11.19 -12.21
CA TRP B 311 -8.04 -10.29 -11.88
C TRP B 311 -7.54 -10.78 -10.52
N PRO B 312 -6.87 -11.94 -10.51
CA PRO B 312 -6.37 -12.57 -9.28
C PRO B 312 -4.98 -12.30 -8.75
N LEU B 313 -4.18 -11.49 -9.45
CA LEU B 313 -2.80 -11.30 -9.02
C LEU B 313 -2.44 -9.92 -8.46
N LEU B 314 -1.15 -9.70 -8.17
CA LEU B 314 -0.71 -8.43 -7.60
C LEU B 314 -0.49 -7.30 -8.60
N PHE B 315 -0.33 -7.65 -9.88
CA PHE B 315 -0.10 -6.65 -10.92
C PHE B 315 -1.24 -6.72 -11.93
N ASP B 316 -1.64 -5.57 -12.48
CA ASP B 316 -2.74 -5.57 -13.45
C ASP B 316 -2.28 -5.93 -14.85
N GLU B 317 -3.20 -5.84 -15.81
CA GLU B 317 -2.91 -6.18 -17.19
C GLU B 317 -1.85 -5.31 -17.84
N GLN B 318 -1.59 -4.14 -17.26
CA GLN B 318 -0.58 -3.23 -17.80
C GLN B 318 0.72 -3.40 -17.00
N HIS B 319 0.74 -4.44 -16.16
CA HIS B 319 1.89 -4.77 -15.32
C HIS B 319 2.15 -3.73 -14.24
N LYS B 320 1.11 -3.00 -13.84
CA LYS B 320 1.26 -1.98 -12.80
C LYS B 320 0.83 -2.58 -11.46
N PRO B 321 1.41 -2.10 -10.36
CA PRO B 321 1.03 -2.64 -9.06
C PRO B 321 -0.39 -2.29 -8.67
N LYS B 322 -1.16 -3.30 -8.28
CA LYS B 322 -2.55 -3.12 -7.86
C LYS B 322 -2.56 -2.85 -6.36
N PRO B 323 -3.71 -2.43 -5.82
CA PRO B 323 -3.78 -2.17 -4.39
C PRO B 323 -3.31 -3.41 -3.62
N ALA B 324 -3.56 -4.58 -4.18
CA ALA B 324 -3.15 -5.84 -3.56
C ALA B 324 -1.62 -5.89 -3.36
N PHE B 325 -0.88 -5.41 -4.35
CA PHE B 325 0.58 -5.40 -4.26
C PHE B 325 1.03 -4.58 -3.05
N TRP B 326 0.53 -3.36 -2.95
CA TRP B 326 0.91 -2.48 -1.85
C TRP B 326 0.56 -3.02 -0.47
N ARG B 327 -0.59 -3.66 -0.34
CA ARG B 327 -0.95 -4.20 0.97
C ARG B 327 -0.11 -5.43 1.29
N ALA B 328 0.24 -6.21 0.28
CA ALA B 328 1.06 -7.40 0.52
C ALA B 328 2.45 -7.03 1.02
N VAL B 329 3.08 -6.02 0.40
CA VAL B 329 4.42 -5.62 0.80
C VAL B 329 4.47 -4.71 2.02
N SER B 330 3.31 -4.39 2.58
CA SER B 330 3.24 -3.52 3.74
C SER B 330 3.27 -4.29 5.06
N VAL B 331 3.23 -5.61 4.99
CA VAL B 331 3.23 -6.43 6.20
C VAL B 331 4.59 -6.50 6.89
O1 XYP C . 7.10 28.52 -5.99
C1 XYP C . 5.79 28.33 -5.58
C2 XYP C . 5.73 27.23 -4.51
C3 XYP C . 4.31 27.08 -3.96
C4 XYP C . 3.78 28.45 -3.49
C5 XYP C . 3.92 29.48 -4.63
O2 XYP C . 6.14 25.99 -5.08
O3 XYP C . 4.31 26.19 -2.86
O4 XYP C . 2.39 28.33 -3.12
O5 XYP C . 5.31 29.56 -5.04
C1 XYP C . 1.97 29.11 -2.05
C2 XYP C . 1.25 30.36 -2.55
C3 XYP C . 0.68 31.15 -1.37
C4 XYP C . -0.17 30.25 -0.48
C5 XYP C . 0.63 29.01 -0.07
O2 XYP C . 2.16 31.18 -3.28
O3 XYP C . -0.12 32.22 -1.87
O4 XYP C . -0.58 30.96 0.67
O5 XYP C . 1.10 28.31 -1.24
O1 XYP D . -0.44 29.24 2.40
C1 XYP D . -1.65 28.63 2.66
C2 XYP D . -2.50 29.57 3.53
C3 XYP D . -3.96 29.10 3.60
C4 XYP D . -4.47 28.96 2.18
C5 XYP D . -3.63 27.89 1.49
O2 XYP D . -1.95 29.65 4.85
O3 XYP D . -4.73 30.03 4.32
O4 XYP D . -5.86 28.61 2.14
O5 XYP D . -2.26 28.37 1.38
C1 XYP D . -6.59 29.21 1.12
C2 XYP D . -7.96 28.53 1.02
C3 XYP D . -8.83 29.26 0.00
C4 XYP D . -8.93 30.74 0.37
C5 XYP D . -7.52 31.33 0.45
O2 XYP D . -7.78 27.17 0.61
O3 XYP D . -10.13 28.68 -0.03
O4 XYP D . -9.69 31.44 -0.60
O5 XYP D . -6.74 30.60 1.44
O1 XYP E . -4.18 -27.50 -9.25
C1 XYP E . -3.29 -26.77 -10.02
C2 XYP E . -2.57 -27.74 -11.00
C3 XYP E . -1.78 -26.95 -12.04
C4 XYP E . -2.80 -26.06 -12.75
C5 XYP E . -3.33 -25.06 -11.74
O2 XYP E . -1.70 -28.60 -10.28
O3 XYP E . -1.14 -27.83 -12.95
O4 XYP E . -2.26 -25.41 -13.91
O5 XYP E . -4.07 -25.77 -10.73
C1 XYP E . -3.09 -25.48 -15.02
C2 XYP E . -2.55 -24.57 -16.14
C3 XYP E . -3.38 -24.75 -17.41
C4 XYP E . -3.46 -26.23 -17.81
C5 XYP E . -3.97 -27.05 -16.63
O2 XYP E . -2.62 -23.22 -15.70
O3 XYP E . -2.81 -24.00 -18.48
O4 XYP E . -4.32 -26.39 -18.92
O5 XYP E . -3.12 -26.86 -15.47
NA NA F . 4.90 11.39 15.74
C1 GOL G . 13.26 37.94 15.67
O1 GOL G . 13.71 37.94 17.01
C2 GOL G . 12.94 39.40 15.25
O2 GOL G . 11.87 39.95 15.99
C3 GOL G . 12.58 39.50 13.73
O3 GOL G . 13.72 39.61 12.91
C1 GOL H . 8.62 2.45 -1.98
O1 GOL H . 9.12 2.58 -3.29
C2 GOL H . 8.10 3.83 -1.48
O2 GOL H . 8.56 4.14 -0.19
C3 GOL H . 6.55 3.90 -1.46
O3 GOL H . 6.01 4.31 -2.70
NA NA I . 10.91 -19.06 5.58
C1 GOL J . 14.41 -44.15 1.12
O1 GOL J . 15.26 -44.89 0.29
C2 GOL J . 15.27 -43.32 2.12
O2 GOL J . 15.42 -43.98 3.36
C3 GOL J . 14.67 -41.92 2.39
O3 GOL J . 15.62 -41.01 2.87
C1 GOL K . -11.98 -19.79 -6.02
O1 GOL K . -13.03 -18.88 -6.26
C2 GOL K . -11.22 -20.07 -7.36
O2 GOL K . -12.08 -20.54 -8.39
C3 GOL K . -10.07 -21.10 -7.18
O3 GOL K . -9.32 -21.28 -8.35
#